data_7YL6
#
_entry.id   7YL6
#
_cell.length_a   43.454
_cell.length_b   276.634
_cell.length_c   321.750
_cell.angle_alpha   90.000
_cell.angle_beta   90.000
_cell.angle_gamma   90.000
#
_symmetry.space_group_name_H-M   'I 2 2 2'
#
loop_
_entity.id
_entity.type
_entity.pdbx_description
1 polymer 'GRAM_POS_ANCHORING domain-containing protein'
2 branched alpha-D-mannopyranose-(1-2)-alpha-D-mannopyranose
3 non-polymer 'CALCIUM ION'
4 non-polymer 'SULFATE ION'
5 water water
#
_entity_poly.entity_id   1
_entity_poly.type   'polypeptide(L)'
_entity_poly.pdbx_seq_one_letter_code
;MGSSHHHHHHSSGLVPRGSHMPDSFKIQRVYAATSRDITVYPKDFLTYFQRNGSAAGFDYDLATYTQTLTPNKASQAGNV
TLKTKVDMSQNFTFTGKINLGDKAQNAGGADGVGFLFHPGDTNVVGAPGGAAGIGGVNGAFGFKLDTYYNGVGENSFTPD
PSNFKGKPFGAFVDGLNGQAKTIASSAQSISEPSNNNFVDFTMSYNGATKVMSVTYGGQTWTQDVSSFVGTNQAMSFSIA
ASTGAFMNLQQLRNVNFTYTVAQGTVIANYVDEQGNTIAQQETTSGDIDTPYVTSQKTIPGYTFKASNGAATSGNYAAND
QTVNYVYTRNQGSIDVTYIDQTTGQTLSKKDLSGGTGDSSNYTTTDTIKSYTDAGYELVSDNYPSGGTVFTDTAQHYVVN
LKQKLVVSSEQKQVNETIQYVYEDGSKAADDYNAPPLNFTRSVTTNQVTGEKTYGDWQAQNGDSFGEVVSPTIKGETADQ
LKIDAISGITANSADIQKKVVYKRN
;
_entity_poly.pdbx_strand_id   A,B
#
# COMPACT_ATOMS: atom_id res chain seq x y z
N THR A 34 11.25 18.91 -25.60
CA THR A 34 9.85 18.45 -25.89
C THR A 34 8.84 19.46 -25.30
N SER A 35 7.54 19.25 -25.53
CA SER A 35 6.44 20.04 -24.92
C SER A 35 6.03 19.43 -23.55
N ARG A 36 6.60 18.26 -23.24
CA ARG A 36 6.23 17.41 -22.08
C ARG A 36 7.06 17.77 -20.84
N ASP A 37 7.94 18.77 -20.90
CA ASP A 37 8.67 19.24 -19.71
C ASP A 37 7.70 20.10 -18.88
N ILE A 38 7.18 19.56 -17.78
CA ILE A 38 6.19 20.27 -16.93
C ILE A 38 6.73 20.34 -15.50
N THR A 39 6.07 21.18 -14.69
CA THR A 39 6.42 21.42 -13.28
C THR A 39 5.13 21.49 -12.41
N VAL A 40 4.84 20.38 -11.69
CA VAL A 40 3.61 20.20 -10.86
C VAL A 40 3.82 21.06 -9.62
N TYR A 41 3.07 22.13 -9.45
CA TYR A 41 3.25 23.04 -8.29
C TYR A 41 2.43 22.47 -7.13
N PRO A 42 2.69 22.92 -5.88
CA PRO A 42 1.83 22.53 -4.77
C PRO A 42 0.40 22.94 -5.12
N LYS A 43 0.22 24.14 -5.66
CA LYS A 43 -1.13 24.72 -5.96
C LYS A 43 -1.97 23.70 -6.72
N ASP A 44 -1.38 22.97 -7.68
CA ASP A 44 -2.13 22.07 -8.62
C ASP A 44 -1.73 20.63 -8.32
N PHE A 45 -1.55 20.30 -7.06
CA PHE A 45 -1.13 18.92 -6.67
C PHE A 45 -2.16 17.92 -7.22
N LEU A 46 -3.45 18.11 -6.94
CA LEU A 46 -4.46 17.03 -7.19
C LEU A 46 -4.75 16.86 -8.69
N THR A 47 -4.42 17.90 -9.46
CA THR A 47 -4.53 17.92 -10.94
C THR A 47 -3.68 16.82 -11.55
N TYR A 48 -2.51 16.50 -10.99
CA TYR A 48 -1.62 15.46 -11.54
C TYR A 48 -1.55 14.25 -10.63
N PHE A 49 -2.18 14.30 -9.45
CA PHE A 49 -2.04 13.25 -8.41
C PHE A 49 -3.43 12.79 -7.98
N GLN A 50 -3.61 11.48 -7.80
CA GLN A 50 -4.93 10.95 -7.42
C GLN A 50 -4.86 10.28 -6.06
N ARG A 51 -5.57 10.86 -5.10
CA ARG A 51 -5.67 10.33 -3.72
C ARG A 51 -6.42 9.01 -3.87
N ASN A 52 -5.86 7.93 -3.35
CA ASN A 52 -6.42 6.55 -3.34
C ASN A 52 -6.35 6.01 -1.92
N GLY A 53 -7.21 5.00 -1.57
CA GLY A 53 -7.30 4.33 -0.25
C GLY A 53 -7.55 5.36 0.85
N SER A 54 -6.90 5.23 2.02
CA SER A 54 -7.12 6.15 3.17
C SER A 54 -7.15 7.59 2.70
N ALA A 55 -6.30 7.92 1.73
CA ALA A 55 -5.94 9.31 1.43
C ALA A 55 -7.16 10.02 0.85
N ALA A 56 -8.10 9.22 0.37
CA ALA A 56 -9.29 9.74 -0.34
C ALA A 56 -10.22 10.40 0.66
N GLY A 57 -10.30 9.89 1.89
CA GLY A 57 -11.07 10.52 2.99
C GLY A 57 -10.53 11.85 3.54
N PHE A 58 -9.51 12.51 2.96
CA PHE A 58 -8.85 13.72 3.54
C PHE A 58 -8.65 14.77 2.47
N ASP A 59 -9.14 15.99 2.68
CA ASP A 59 -9.02 17.06 1.67
C ASP A 59 -7.55 17.47 1.61
N TYR A 60 -7.16 18.04 0.48
CA TYR A 60 -5.81 18.65 0.30
C TYR A 60 -5.96 20.06 0.86
N ASP A 61 -5.45 20.33 2.06
CA ASP A 61 -5.49 21.69 2.67
C ASP A 61 -4.56 22.59 1.86
N LEU A 62 -5.14 23.56 1.13
CA LEU A 62 -4.41 24.41 0.16
C LEU A 62 -3.81 25.59 0.90
N ALA A 63 -4.18 25.73 2.19
CA ALA A 63 -3.54 26.63 3.18
C ALA A 63 -2.12 26.13 3.53
N THR A 64 -2.00 24.89 4.01
CA THR A 64 -0.74 24.26 4.50
C THR A 64 0.02 23.53 3.38
N TYR A 65 -0.68 23.10 2.32
CA TYR A 65 -0.18 22.32 1.15
C TYR A 65 0.14 20.90 1.61
N THR A 66 -0.82 20.32 2.36
CA THR A 66 -0.68 19.06 3.12
C THR A 66 -1.71 18.02 2.70
N GLN A 67 -1.25 16.80 2.37
CA GLN A 67 -2.18 15.71 2.04
C GLN A 67 -1.98 14.62 3.06
N THR A 68 -3.02 14.29 3.83
CA THR A 68 -2.92 13.11 4.74
C THR A 68 -2.91 11.84 3.90
N LEU A 69 -1.94 10.95 4.14
CA LEU A 69 -1.88 9.62 3.50
C LEU A 69 -2.52 8.56 4.42
N THR A 70 -2.06 8.46 5.66
CA THR A 70 -2.70 7.63 6.73
C THR A 70 -2.90 8.49 7.97
N PRO A 71 -4.06 8.33 8.63
CA PRO A 71 -4.34 8.98 9.91
C PRO A 71 -3.73 8.12 11.03
N ASN A 72 -3.90 8.53 12.30
CA ASN A 72 -3.27 7.83 13.45
C ASN A 72 -4.06 6.57 13.83
N LYS A 73 -4.84 6.04 12.92
CA LYS A 73 -5.69 4.84 13.12
C LYS A 73 -4.86 3.62 12.73
N ALA A 74 -5.23 2.42 13.17
CA ALA A 74 -4.51 1.17 12.82
C ALA A 74 -4.97 0.59 11.49
N SER A 75 -4.22 -0.36 10.92
CA SER A 75 -4.58 -1.05 9.64
C SER A 75 -5.06 -0.02 8.63
N GLN A 76 -4.21 0.86 8.15
CA GLN A 76 -4.61 1.82 7.11
C GLN A 76 -3.69 1.58 5.92
N ALA A 77 -4.03 2.21 4.79
CA ALA A 77 -3.34 2.11 3.49
C ALA A 77 -3.90 3.19 2.58
N GLY A 78 -3.05 4.14 2.21
CA GLY A 78 -3.43 5.34 1.42
C GLY A 78 -2.24 5.84 0.64
N ASN A 79 -2.45 6.36 -0.58
CA ASN A 79 -1.35 6.70 -1.54
C ASN A 79 -1.76 7.85 -2.44
N VAL A 80 -0.84 8.33 -3.22
CA VAL A 80 -1.22 9.22 -4.33
C VAL A 80 -0.59 8.50 -5.52
N THR A 81 -1.36 8.28 -6.61
CA THR A 81 -0.80 7.83 -7.92
C THR A 81 -0.72 9.08 -8.81
N LEU A 82 0.30 9.05 -9.67
CA LEU A 82 0.50 10.08 -10.70
C LEU A 82 -0.44 9.70 -11.86
N LYS A 83 -1.19 10.72 -12.31
CA LYS A 83 -2.15 10.68 -13.44
C LYS A 83 -1.44 10.25 -14.70
N THR A 84 -0.25 10.78 -15.01
CA THR A 84 0.57 10.39 -16.20
C THR A 84 1.57 9.27 -15.84
N LYS A 85 2.55 9.03 -16.69
CA LYS A 85 3.77 8.23 -16.33
C LYS A 85 5.00 9.15 -16.43
N VAL A 86 6.22 8.64 -16.21
CA VAL A 86 7.43 9.52 -16.19
C VAL A 86 8.44 9.04 -17.25
N ASP A 87 8.92 10.00 -18.03
CA ASP A 87 9.99 9.74 -19.02
C ASP A 87 11.30 9.47 -18.27
N MET A 88 11.71 8.18 -18.17
CA MET A 88 12.93 7.67 -17.47
C MET A 88 14.18 7.74 -18.38
N SER A 89 14.00 8.30 -19.55
CA SER A 89 15.12 8.78 -20.38
C SER A 89 15.44 10.21 -19.95
N GLN A 90 14.50 10.94 -19.34
CA GLN A 90 14.70 12.37 -18.94
C GLN A 90 14.88 12.53 -17.41
N ASN A 91 15.34 13.71 -17.03
CA ASN A 91 15.69 14.10 -15.64
C ASN A 91 14.40 14.53 -14.94
N PHE A 92 14.17 14.08 -13.70
CA PHE A 92 13.12 14.64 -12.80
C PHE A 92 13.72 15.01 -11.44
N THR A 93 13.00 15.90 -10.74
CA THR A 93 13.33 16.34 -9.38
C THR A 93 12.03 16.44 -8.58
N PHE A 94 11.92 15.69 -7.46
CA PHE A 94 10.78 15.72 -6.49
C PHE A 94 11.14 16.38 -5.16
N THR A 95 10.42 17.44 -4.78
CA THR A 95 10.72 18.24 -3.57
C THR A 95 9.53 18.24 -2.65
N GLY A 96 9.69 17.80 -1.41
CA GLY A 96 8.59 17.96 -0.44
C GLY A 96 9.03 17.76 0.98
N LYS A 97 8.08 17.91 1.89
CA LYS A 97 8.27 17.55 3.30
C LYS A 97 7.40 16.32 3.60
N ILE A 98 7.94 15.38 4.35
CA ILE A 98 7.22 14.18 4.83
C ILE A 98 7.14 14.22 6.36
N ASN A 99 5.94 14.18 6.91
CA ASN A 99 5.74 13.74 8.32
C ASN A 99 5.64 12.18 8.39
N LEU A 100 6.52 11.53 9.13
CA LEU A 100 6.45 10.07 9.33
C LEU A 100 5.61 9.66 10.55
N GLY A 101 5.16 10.67 11.34
CA GLY A 101 4.31 10.55 12.57
C GLY A 101 4.91 11.07 13.89
N ASP A 102 4.48 10.46 15.01
CA ASP A 102 4.75 10.91 16.41
C ASP A 102 5.34 9.77 17.28
N LYS A 103 5.28 8.51 16.84
CA LYS A 103 5.70 7.32 17.62
C LYS A 103 6.78 6.51 16.90
N ALA A 104 7.79 6.09 17.62
CA ALA A 104 8.78 5.12 17.10
C ALA A 104 8.19 3.72 17.22
N GLN A 105 8.84 2.75 16.59
CA GLN A 105 8.37 1.34 16.62
C GLN A 105 8.12 0.87 18.06
N ASN A 106 9.06 1.12 18.97
CA ASN A 106 8.96 0.76 20.41
C ASN A 106 7.68 1.38 20.99
N ALA A 107 7.31 2.60 20.63
CA ALA A 107 6.14 3.32 21.20
C ALA A 107 4.82 2.95 20.49
N GLY A 108 4.88 2.05 19.50
CA GLY A 108 3.73 1.56 18.71
C GLY A 108 3.51 2.41 17.47
N GLY A 109 4.60 2.66 16.72
CA GLY A 109 4.69 3.53 15.53
C GLY A 109 5.04 2.72 14.30
N ALA A 110 4.25 2.88 13.24
CA ALA A 110 4.40 2.13 11.97
C ALA A 110 3.63 2.89 10.89
N ASP A 111 3.94 2.71 9.58
CA ASP A 111 4.84 1.69 9.00
C ASP A 111 5.94 2.35 8.14
N GLY A 112 5.66 3.55 7.59
CA GLY A 112 6.59 4.30 6.73
C GLY A 112 5.91 4.85 5.48
N VAL A 113 6.65 5.58 4.65
CA VAL A 113 6.21 6.10 3.33
C VAL A 113 7.12 5.43 2.28
N GLY A 114 6.54 4.72 1.29
CA GLY A 114 7.23 4.15 0.11
C GLY A 114 7.05 5.03 -1.13
N PHE A 115 8.11 5.17 -1.94
CA PHE A 115 8.06 5.78 -3.29
C PHE A 115 8.20 4.67 -4.33
N LEU A 116 7.15 4.42 -5.13
CA LEU A 116 7.08 3.32 -6.15
C LEU A 116 7.12 3.88 -7.58
N PHE A 117 8.03 3.27 -8.36
CA PHE A 117 8.17 3.35 -9.83
C PHE A 117 7.99 1.94 -10.40
N HIS A 118 7.04 1.79 -11.32
CA HIS A 118 6.79 0.52 -12.05
C HIS A 118 6.35 0.85 -13.49
N PRO A 119 6.51 -0.15 -14.41
CA PRO A 119 6.13 0.03 -15.82
C PRO A 119 4.63 -0.12 -16.18
N GLY A 120 3.88 -0.95 -15.44
CA GLY A 120 2.44 -1.19 -15.71
C GLY A 120 1.52 0.00 -15.41
N ASP A 121 0.37 -0.30 -14.81
CA ASP A 121 -0.81 0.61 -14.80
C ASP A 121 -0.58 1.83 -13.89
N THR A 122 -0.93 3.03 -14.30
CA THR A 122 -0.84 4.22 -13.40
C THR A 122 -1.61 4.01 -12.08
N ASN A 123 -2.64 3.13 -12.08
CA ASN A 123 -3.59 2.90 -10.95
C ASN A 123 -3.16 1.68 -10.14
N VAL A 124 -2.06 1.03 -10.48
CA VAL A 124 -1.54 -0.09 -9.66
C VAL A 124 -0.53 0.47 -8.65
N VAL A 125 -0.75 0.07 -7.40
CA VAL A 125 0.02 0.49 -6.21
C VAL A 125 0.48 -0.78 -5.49
N GLY A 126 1.38 -0.65 -4.51
CA GLY A 126 2.07 -1.80 -3.93
C GLY A 126 1.38 -2.23 -2.67
N ALA A 127 1.71 -3.42 -2.16
CA ALA A 127 1.24 -3.99 -0.87
C ALA A 127 1.64 -3.12 0.35
N PRO A 128 0.78 -3.05 1.40
CA PRO A 128 1.11 -2.32 2.62
C PRO A 128 1.96 -3.19 3.57
N GLY A 129 2.32 -2.62 4.74
CA GLY A 129 3.08 -3.34 5.78
C GLY A 129 4.56 -3.40 5.45
N GLY A 130 5.19 -4.57 5.50
CA GLY A 130 6.64 -4.74 5.22
C GLY A 130 6.98 -4.69 3.74
N ALA A 131 5.99 -4.63 2.88
CA ALA A 131 6.14 -4.38 1.43
C ALA A 131 6.32 -2.87 1.07
N ALA A 132 6.05 -1.93 1.99
CA ALA A 132 6.38 -0.48 1.88
C ALA A 132 5.72 0.24 0.68
N GLY A 133 4.86 -0.45 -0.07
CA GLY A 133 4.11 0.15 -1.19
C GLY A 133 4.88 -0.01 -2.46
N ILE A 134 5.87 -0.90 -2.38
CA ILE A 134 6.79 -1.33 -3.48
C ILE A 134 6.61 -2.85 -3.75
N GLY A 135 6.45 -3.70 -2.75
CA GLY A 135 6.36 -5.14 -3.03
C GLY A 135 5.03 -5.44 -3.69
N GLY A 136 4.85 -6.69 -4.18
CA GLY A 136 3.64 -7.22 -4.84
C GLY A 136 3.31 -6.53 -6.16
N VAL A 137 4.21 -5.71 -6.73
CA VAL A 137 4.08 -5.17 -8.11
C VAL A 137 5.29 -5.71 -8.85
N ASN A 138 5.09 -6.03 -10.14
CA ASN A 138 6.10 -6.64 -11.05
C ASN A 138 6.87 -5.47 -11.69
N GLY A 139 8.22 -5.58 -11.73
CA GLY A 139 9.13 -4.58 -12.33
C GLY A 139 9.22 -3.32 -11.48
N ALA A 140 9.04 -3.48 -10.16
CA ALA A 140 8.89 -2.38 -9.18
C ALA A 140 10.24 -2.07 -8.56
N PHE A 141 10.42 -0.82 -8.22
CA PHE A 141 11.67 -0.35 -7.60
C PHE A 141 11.31 0.95 -6.92
N GLY A 142 11.97 1.24 -5.81
CA GLY A 142 11.86 2.60 -5.25
C GLY A 142 12.74 2.80 -4.04
N PHE A 143 12.40 3.85 -3.31
CA PHE A 143 13.00 4.26 -2.02
C PHE A 143 11.91 4.29 -0.96
N LYS A 144 12.15 3.59 0.14
CA LYS A 144 11.22 3.56 1.31
C LYS A 144 11.76 4.41 2.48
N LEU A 145 10.88 4.88 3.36
CA LEU A 145 11.22 5.31 4.73
C LEU A 145 10.58 4.36 5.77
N ASP A 146 11.25 3.27 6.20
CA ASP A 146 10.66 2.14 7.00
C ASP A 146 10.72 2.48 8.49
N THR A 147 9.58 2.84 9.10
CA THR A 147 9.47 3.23 10.53
C THR A 147 9.02 2.05 11.37
N TYR A 148 9.12 0.83 10.81
CA TYR A 148 8.87 -0.47 11.48
C TYR A 148 9.78 -1.55 10.91
N TYR A 149 10.40 -2.31 11.84
CA TYR A 149 11.34 -3.39 11.47
C TYR A 149 10.52 -4.66 11.31
N ASN A 150 10.45 -5.18 10.07
CA ASN A 150 9.77 -6.48 9.76
C ASN A 150 10.86 -7.55 9.63
N GLY A 151 10.96 -8.43 10.63
CA GLY A 151 11.95 -9.50 10.58
C GLY A 151 11.43 -10.73 9.85
N VAL A 152 10.11 -10.81 9.70
CA VAL A 152 9.40 -12.02 9.19
C VAL A 152 9.28 -11.88 7.67
N GLY A 153 9.43 -13.00 6.93
CA GLY A 153 9.30 -13.08 5.45
C GLY A 153 7.89 -13.46 5.00
N GLU A 154 7.25 -12.58 4.24
CA GLU A 154 5.99 -12.86 3.48
C GLU A 154 6.29 -12.93 1.98
N ASN A 155 5.30 -13.29 1.16
CA ASN A 155 5.53 -13.38 -0.30
C ASN A 155 5.88 -12.00 -0.83
N SER A 156 5.21 -10.97 -0.33
CA SER A 156 5.36 -9.58 -0.87
C SER A 156 6.73 -8.95 -0.53
N PHE A 157 7.48 -9.43 0.50
CA PHE A 157 8.70 -8.75 1.06
C PHE A 157 9.64 -9.72 1.79
N THR A 158 10.95 -9.51 1.60
CA THR A 158 12.06 -10.19 2.32
C THR A 158 12.34 -9.43 3.60
N PRO A 159 12.68 -10.17 4.69
CA PRO A 159 12.99 -9.55 5.98
C PRO A 159 13.75 -8.23 5.85
N ASP A 160 13.63 -7.34 6.83
CA ASP A 160 14.34 -6.04 6.81
C ASP A 160 15.80 -6.31 7.20
N PRO A 161 16.75 -5.47 6.77
CA PRO A 161 18.17 -5.64 7.11
C PRO A 161 18.39 -5.90 8.60
N SER A 162 19.03 -7.01 9.01
CA SER A 162 19.20 -7.40 10.44
C SER A 162 19.89 -6.26 11.26
N ASN A 163 20.79 -5.52 10.64
CA ASN A 163 21.54 -4.40 11.26
C ASN A 163 20.62 -3.19 11.50
N PHE A 164 19.32 -3.39 11.57
CA PHE A 164 18.37 -2.25 11.82
C PHE A 164 17.19 -2.72 12.66
N LYS A 165 17.39 -3.79 13.43
CA LYS A 165 16.37 -4.38 14.35
C LYS A 165 15.82 -3.26 15.26
N GLY A 166 14.51 -3.04 15.32
CA GLY A 166 13.89 -1.94 16.08
C GLY A 166 14.31 -0.51 15.66
N LYS A 167 15.16 -0.32 14.65
CA LYS A 167 15.60 1.04 14.27
C LYS A 167 14.98 1.45 12.94
N PRO A 168 14.55 2.71 12.77
CA PRO A 168 14.02 3.21 11.51
C PRO A 168 15.09 3.59 10.48
N PHE A 169 14.85 3.24 9.22
CA PHE A 169 15.86 3.36 8.13
C PHE A 169 15.24 3.79 6.81
N GLY A 170 16.13 4.31 5.96
CA GLY A 170 15.86 4.80 4.60
C GLY A 170 16.73 4.03 3.63
N ALA A 171 16.14 3.44 2.58
CA ALA A 171 16.77 2.41 1.72
C ALA A 171 16.11 2.36 0.35
N PHE A 172 16.84 1.83 -0.64
CA PHE A 172 16.30 1.46 -1.97
C PHE A 172 15.78 0.02 -1.91
N VAL A 173 14.76 -0.25 -2.73
CA VAL A 173 14.08 -1.57 -2.79
C VAL A 173 14.06 -2.07 -4.23
N ASP A 174 14.41 -3.38 -4.37
CA ASP A 174 14.31 -4.20 -5.59
C ASP A 174 12.95 -4.87 -5.55
N GLY A 175 11.98 -4.40 -6.34
CA GLY A 175 10.62 -4.96 -6.32
C GLY A 175 10.29 -5.71 -7.58
N LEU A 176 11.30 -5.94 -8.43
CA LEU A 176 11.15 -6.43 -9.82
C LEU A 176 10.42 -7.77 -9.85
N ASN A 177 10.89 -8.79 -9.11
CA ASN A 177 10.24 -10.14 -9.10
C ASN A 177 8.94 -10.15 -8.26
N GLY A 178 8.34 -8.99 -7.92
CA GLY A 178 7.11 -8.87 -7.10
C GLY A 178 7.41 -8.73 -5.61
N GLN A 179 8.38 -9.50 -5.12
CA GLN A 179 8.98 -9.49 -3.76
C GLN A 179 9.83 -8.22 -3.59
N ALA A 180 9.40 -7.28 -2.73
CA ALA A 180 10.21 -6.10 -2.37
C ALA A 180 11.39 -6.58 -1.50
N LYS A 181 12.63 -6.41 -1.99
CA LYS A 181 13.89 -6.77 -1.29
C LYS A 181 14.56 -5.43 -0.98
N THR A 182 14.92 -5.20 0.28
CA THR A 182 15.64 -3.97 0.67
C THR A 182 17.09 -4.12 0.26
N ILE A 183 17.62 -3.13 -0.48
CA ILE A 183 19.07 -3.04 -0.85
C ILE A 183 19.87 -2.64 0.39
N ALA A 184 20.48 -3.62 1.08
CA ALA A 184 21.13 -3.39 2.40
C ALA A 184 22.29 -2.39 2.25
N SER A 185 22.97 -2.38 1.10
CA SER A 185 24.00 -1.38 0.68
C SER A 185 23.53 0.07 0.81
N SER A 186 22.22 0.38 0.70
CA SER A 186 21.67 1.76 0.70
C SER A 186 21.01 2.07 2.03
N ALA A 187 20.89 1.06 2.91
CA ALA A 187 20.22 1.17 4.20
C ALA A 187 21.08 2.01 5.14
N GLN A 188 20.63 3.24 5.44
CA GLN A 188 21.17 4.15 6.48
C GLN A 188 20.05 4.39 7.50
N SER A 189 20.33 4.99 8.67
CA SER A 189 19.32 5.30 9.70
C SER A 189 18.76 6.72 9.48
N ILE A 190 17.52 6.89 9.89
CA ILE A 190 16.80 8.18 9.74
C ILE A 190 16.34 8.53 11.15
N SER A 191 15.99 9.80 11.33
CA SER A 191 15.43 10.30 12.60
C SER A 191 14.07 9.64 12.89
N GLU A 192 13.88 9.01 14.06
CA GLU A 192 12.56 8.47 14.52
C GLU A 192 11.49 9.55 14.34
N PRO A 193 10.32 9.15 13.84
CA PRO A 193 9.17 10.04 13.77
C PRO A 193 8.93 10.68 15.14
N SER A 194 8.70 11.97 15.22
CA SER A 194 8.43 12.64 16.51
C SER A 194 7.57 13.89 16.29
N ASN A 195 6.59 14.09 17.15
CA ASN A 195 5.74 15.33 17.25
C ASN A 195 5.18 15.72 15.89
N ASN A 196 4.84 14.74 15.04
CA ASN A 196 4.18 14.98 13.72
C ASN A 196 4.93 16.07 12.94
N ASN A 197 6.26 15.99 12.96
CA ASN A 197 7.17 16.97 12.35
C ASN A 197 7.44 16.60 10.89
N PHE A 198 7.47 17.63 10.06
CA PHE A 198 7.74 17.48 8.62
C PHE A 198 9.24 17.64 8.38
N VAL A 199 9.88 16.64 7.79
CA VAL A 199 11.33 16.58 7.43
C VAL A 199 11.46 16.74 5.92
N ASP A 200 12.47 17.47 5.45
CA ASP A 200 12.58 17.85 4.02
C ASP A 200 13.09 16.64 3.26
N PHE A 201 12.39 16.31 2.16
CA PHE A 201 12.64 15.14 1.26
C PHE A 201 12.94 15.68 -0.11
N THR A 202 13.83 14.98 -0.80
CA THR A 202 14.21 15.30 -2.18
C THR A 202 14.60 14.02 -2.87
N MET A 203 14.00 13.81 -4.04
CA MET A 203 14.39 12.72 -4.96
C MET A 203 14.67 13.36 -6.32
N SER A 204 15.93 13.25 -6.79
CA SER A 204 16.43 13.67 -8.14
C SER A 204 16.86 12.44 -8.93
N TYR A 205 16.64 12.55 -10.25
CA TYR A 205 16.95 11.50 -11.25
C TYR A 205 17.67 12.10 -12.45
N ASN A 206 18.71 11.44 -12.96
CA ASN A 206 19.34 11.75 -14.25
C ASN A 206 18.95 10.72 -15.32
N GLY A 207 18.48 11.21 -16.49
CA GLY A 207 18.01 10.42 -17.66
C GLY A 207 19.04 9.42 -18.14
N ALA A 208 20.23 9.95 -18.49
CA ALA A 208 21.38 9.21 -19.07
C ALA A 208 22.17 8.44 -17.99
N THR A 209 22.42 9.05 -16.83
CA THR A 209 23.15 8.37 -15.73
C THR A 209 22.29 7.20 -15.23
N LYS A 210 20.95 7.40 -15.29
CA LYS A 210 19.89 6.58 -14.67
C LYS A 210 20.17 6.53 -13.15
N VAL A 211 20.38 7.69 -12.52
CA VAL A 211 20.87 7.74 -11.11
C VAL A 211 19.88 8.53 -10.26
N MET A 212 19.37 7.89 -9.22
CA MET A 212 18.42 8.46 -8.23
C MET A 212 19.26 9.04 -7.12
N SER A 213 18.92 10.25 -6.71
CA SER A 213 19.56 10.91 -5.55
C SER A 213 18.46 11.34 -4.59
N VAL A 214 18.35 10.66 -3.44
CA VAL A 214 17.32 10.97 -2.40
C VAL A 214 17.99 11.67 -1.22
N THR A 215 17.32 12.69 -0.63
CA THR A 215 17.76 13.44 0.58
C THR A 215 16.60 13.66 1.57
N TYR A 216 16.57 12.87 2.62
CA TYR A 216 15.65 13.04 3.78
C TYR A 216 16.43 13.50 5.03
N GLY A 217 16.24 14.78 5.39
CA GLY A 217 16.83 15.40 6.59
C GLY A 217 18.31 15.09 6.78
N GLY A 218 19.15 15.58 5.88
CA GLY A 218 20.61 15.52 6.10
C GLY A 218 21.19 14.19 5.67
N GLN A 219 20.46 13.09 5.79
CA GLN A 219 20.87 11.78 5.21
C GLN A 219 20.76 11.85 3.67
N THR A 220 21.72 11.27 2.94
CA THR A 220 21.76 11.27 1.45
C THR A 220 21.95 9.85 0.92
N TRP A 221 21.22 9.47 -0.12
CA TRP A 221 21.37 8.16 -0.82
C TRP A 221 21.70 8.43 -2.31
N THR A 222 22.36 7.48 -2.95
CA THR A 222 22.49 7.49 -4.43
C THR A 222 22.51 6.05 -4.96
N GLN A 223 21.79 5.81 -6.06
CA GLN A 223 21.71 4.48 -6.71
C GLN A 223 21.55 4.67 -8.23
N ASP A 224 22.20 3.79 -9.02
CA ASP A 224 22.10 3.63 -10.50
C ASP A 224 20.98 2.62 -10.73
N VAL A 225 19.85 3.07 -11.27
CA VAL A 225 18.60 2.28 -11.32
C VAL A 225 18.45 1.64 -12.72
N SER A 226 19.45 1.81 -13.60
CA SER A 226 19.43 1.30 -14.98
C SER A 226 19.07 -0.19 -14.99
N SER A 227 19.49 -1.00 -14.00
CA SER A 227 19.17 -2.45 -13.92
C SER A 227 17.69 -2.65 -13.64
N PHE A 228 16.96 -1.59 -13.30
CA PHE A 228 15.52 -1.64 -12.96
C PHE A 228 14.75 -1.00 -14.13
N VAL A 229 15.12 0.25 -14.49
CA VAL A 229 14.47 1.01 -15.58
C VAL A 229 14.55 0.15 -16.85
N GLY A 230 15.70 -0.44 -17.16
CA GLY A 230 15.89 -1.25 -18.40
C GLY A 230 15.31 -0.56 -19.63
N THR A 231 14.63 -1.33 -20.50
CA THR A 231 14.10 -0.89 -21.82
C THR A 231 12.94 0.11 -21.63
N ASN A 232 12.22 -0.03 -20.51
CA ASN A 232 10.97 0.72 -20.22
C ASN A 232 11.36 2.17 -19.96
N GLN A 233 11.07 3.07 -20.86
CA GLN A 233 11.41 4.48 -20.57
C GLN A 233 10.17 5.19 -19.94
N ALA A 234 9.11 4.46 -19.60
CA ALA A 234 7.88 5.06 -18.99
C ALA A 234 7.45 4.21 -17.80
N MET A 235 7.42 4.84 -16.62
CA MET A 235 7.15 4.15 -15.34
C MET A 235 6.13 5.02 -14.62
N SER A 236 5.15 4.39 -13.98
CA SER A 236 4.04 5.08 -13.26
C SER A 236 4.60 5.37 -11.87
N PHE A 237 4.10 6.42 -11.23
CA PHE A 237 4.68 6.92 -9.96
C PHE A 237 3.60 6.87 -8.89
N SER A 238 3.89 6.17 -7.79
CA SER A 238 3.01 6.02 -6.60
C SER A 238 3.79 6.40 -5.32
N ILE A 239 3.22 7.21 -4.41
CA ILE A 239 3.77 7.58 -3.07
C ILE A 239 2.75 7.06 -2.05
N ALA A 240 3.08 6.00 -1.32
CA ALA A 240 2.16 5.20 -0.49
C ALA A 240 2.53 5.42 0.96
N ALA A 241 1.59 5.10 1.84
CA ALA A 241 1.75 5.13 3.32
C ALA A 241 0.83 4.06 3.88
N SER A 242 1.21 3.40 4.95
CA SER A 242 0.42 2.29 5.55
C SER A 242 0.65 2.26 7.06
N THR A 243 -0.31 1.71 7.79
CA THR A 243 -0.26 1.41 9.25
C THR A 243 -0.69 -0.03 9.39
N GLY A 244 -0.45 -0.61 10.56
CA GLY A 244 -0.84 -2.00 10.80
C GLY A 244 -1.41 -2.18 12.19
N ALA A 245 -0.81 -3.07 12.98
CA ALA A 245 -1.04 -3.24 14.44
C ALA A 245 -0.52 -1.96 15.15
N PHE A 246 0.68 -1.48 14.78
CA PHE A 246 1.18 -0.12 15.14
C PHE A 246 0.76 0.91 14.09
N MET A 247 0.82 2.17 14.45
CA MET A 247 0.20 3.23 13.64
C MET A 247 1.01 4.51 13.78
N ASN A 248 0.61 5.50 12.99
CA ASN A 248 1.30 6.79 12.90
C ASN A 248 0.58 7.64 11.88
N LEU A 249 0.40 8.91 12.14
CA LEU A 249 -0.10 9.83 11.10
C LEU A 249 1.03 10.06 10.12
N GLN A 250 0.80 9.76 8.85
CA GLN A 250 1.81 9.94 7.76
C GLN A 250 1.26 10.94 6.76
N GLN A 251 1.98 12.00 6.45
CA GLN A 251 1.43 13.00 5.51
C GLN A 251 2.54 13.62 4.65
N LEU A 252 2.14 14.26 3.54
CA LEU A 252 3.03 14.93 2.56
C LEU A 252 2.72 16.42 2.55
N ARG A 253 3.74 17.26 2.39
CA ARG A 253 3.53 18.72 2.35
C ARG A 253 4.48 19.38 1.34
N ASN A 254 3.98 20.44 0.66
CA ASN A 254 4.75 21.32 -0.26
C ASN A 254 5.35 20.48 -1.36
N VAL A 255 4.51 19.82 -2.15
CA VAL A 255 5.00 18.95 -3.26
C VAL A 255 5.28 19.80 -4.51
N ASN A 256 6.49 19.61 -5.08
CA ASN A 256 7.10 20.19 -6.32
C ASN A 256 7.75 19.04 -7.10
N PHE A 257 7.04 18.54 -8.12
CA PHE A 257 7.54 17.53 -9.07
C PHE A 257 7.73 18.20 -10.44
N THR A 258 8.99 18.26 -10.91
CA THR A 258 9.39 18.69 -12.27
C THR A 258 9.90 17.44 -12.96
N TYR A 259 9.18 17.02 -13.99
CA TYR A 259 9.49 15.81 -14.80
C TYR A 259 9.10 16.07 -16.25
N THR A 260 9.53 15.13 -17.09
CA THR A 260 9.04 15.01 -18.48
C THR A 260 8.00 13.89 -18.52
N VAL A 261 6.74 14.26 -18.81
CA VAL A 261 5.55 13.33 -18.86
C VAL A 261 5.77 12.35 -20.03
N ALA A 262 5.77 11.03 -19.76
CA ALA A 262 6.01 9.98 -20.78
C ALA A 262 4.83 9.97 -21.74
N GLN A 263 5.08 9.53 -22.96
CA GLN A 263 4.05 9.53 -24.02
C GLN A 263 3.35 8.16 -24.01
N GLY A 264 2.10 8.17 -24.47
CA GLY A 264 1.25 6.99 -24.55
C GLY A 264 1.59 6.11 -25.72
N THR A 265 1.12 4.88 -25.64
CA THR A 265 1.37 3.86 -26.65
C THR A 265 0.00 3.36 -27.11
N VAL A 266 -0.03 2.86 -28.35
CA VAL A 266 -1.13 2.09 -28.99
C VAL A 266 -0.52 0.85 -29.58
N ILE A 267 -1.11 -0.28 -29.36
CA ILE A 267 -0.61 -1.51 -30.02
C ILE A 267 -1.71 -1.94 -30.98
N ALA A 268 -1.32 -2.44 -32.14
CA ALA A 268 -2.26 -2.92 -33.16
C ALA A 268 -1.87 -4.37 -33.47
N ASN A 269 -2.79 -5.29 -33.33
CA ASN A 269 -2.41 -6.70 -33.53
C ASN A 269 -3.21 -7.26 -34.67
N TYR A 270 -2.57 -8.03 -35.53
CA TYR A 270 -3.29 -8.46 -36.75
C TYR A 270 -3.41 -9.95 -36.60
N VAL A 271 -4.61 -10.43 -36.33
CA VAL A 271 -4.79 -11.84 -35.86
C VAL A 271 -5.95 -12.50 -36.60
N ASP A 272 -5.92 -13.82 -36.56
CA ASP A 272 -6.97 -14.61 -37.20
C ASP A 272 -8.07 -14.76 -36.16
N GLU A 273 -9.13 -15.47 -36.52
CA GLU A 273 -10.34 -15.69 -35.68
C GLU A 273 -9.94 -16.47 -34.42
N GLN A 274 -8.96 -17.38 -34.49
CA GLN A 274 -8.52 -18.21 -33.34
C GLN A 274 -7.27 -17.63 -32.64
N GLY A 275 -7.05 -16.31 -32.70
CA GLY A 275 -6.00 -15.57 -31.97
C GLY A 275 -4.62 -15.61 -32.61
N ASN A 276 -4.27 -16.61 -33.45
CA ASN A 276 -2.93 -16.75 -34.08
C ASN A 276 -2.59 -15.45 -34.82
N THR A 277 -1.36 -14.95 -34.65
CA THR A 277 -0.94 -13.65 -35.25
C THR A 277 -0.71 -13.95 -36.73
N ILE A 278 -1.20 -13.13 -37.67
CA ILE A 278 -1.12 -13.39 -39.14
C ILE A 278 -0.37 -12.24 -39.82
N ALA A 279 -0.09 -11.17 -39.11
CA ALA A 279 0.73 -10.05 -39.60
C ALA A 279 1.37 -9.36 -38.40
N GLN A 280 2.57 -8.84 -38.65
CA GLN A 280 3.45 -8.19 -37.65
C GLN A 280 2.65 -7.07 -37.01
N GLN A 281 2.61 -7.06 -35.66
CA GLN A 281 1.90 -6.05 -34.85
C GLN A 281 2.53 -4.68 -35.04
N GLU A 282 1.95 -3.62 -34.50
CA GLU A 282 2.38 -2.25 -34.89
C GLU A 282 2.35 -1.37 -33.66
N THR A 283 3.45 -1.35 -32.94
CA THR A 283 3.58 -0.48 -31.74
C THR A 283 3.80 0.95 -32.22
N THR A 284 3.12 1.92 -31.61
CA THR A 284 3.27 3.34 -31.99
C THR A 284 3.10 4.22 -30.74
N SER A 285 4.03 5.13 -30.46
CA SER A 285 3.96 6.05 -29.31
C SER A 285 3.69 7.49 -29.77
N GLY A 286 3.23 8.35 -28.88
CA GLY A 286 2.99 9.77 -29.19
C GLY A 286 2.44 10.50 -27.96
N ASP A 287 2.51 11.83 -27.93
CA ASP A 287 2.15 12.61 -26.72
C ASP A 287 0.72 12.24 -26.30
N ILE A 288 0.36 12.58 -25.06
CA ILE A 288 -0.98 12.31 -24.45
C ILE A 288 -1.94 13.36 -24.96
N ASP A 289 -3.21 13.00 -25.18
CA ASP A 289 -4.26 13.79 -25.88
C ASP A 289 -3.80 14.19 -27.28
N THR A 290 -2.99 13.36 -27.91
CA THR A 290 -2.46 13.62 -29.26
C THR A 290 -3.04 12.50 -30.07
N PRO A 291 -3.55 12.79 -31.29
CA PRO A 291 -4.20 11.79 -32.12
C PRO A 291 -3.34 10.56 -32.40
N TYR A 292 -3.93 9.38 -32.47
CA TYR A 292 -3.24 8.14 -32.94
C TYR A 292 -4.03 7.61 -34.12
N VAL A 293 -3.40 6.91 -35.05
CA VAL A 293 -4.16 6.34 -36.20
C VAL A 293 -3.61 4.93 -36.51
N THR A 294 -4.49 3.97 -36.65
CA THR A 294 -4.12 2.57 -36.89
C THR A 294 -4.66 2.17 -38.26
N SER A 295 -4.06 1.16 -38.88
CA SER A 295 -4.27 0.84 -40.31
C SER A 295 -4.87 -0.55 -40.40
N GLN A 296 -5.97 -0.65 -41.15
CA GLN A 296 -6.54 -1.95 -41.57
C GLN A 296 -5.58 -2.59 -42.56
N LYS A 297 -4.85 -3.59 -42.19
CA LYS A 297 -3.89 -4.20 -43.13
C LYS A 297 -4.68 -5.08 -44.10
N THR A 298 -4.21 -5.17 -45.35
CA THR A 298 -4.71 -6.14 -46.35
C THR A 298 -3.81 -7.35 -46.31
N ILE A 299 -4.37 -8.48 -45.94
CA ILE A 299 -3.56 -9.65 -45.62
C ILE A 299 -3.93 -10.73 -46.62
N PRO A 300 -2.97 -11.15 -47.45
CA PRO A 300 -3.15 -12.30 -48.32
C PRO A 300 -3.71 -13.52 -47.57
N GLY A 301 -4.78 -14.13 -48.10
CA GLY A 301 -5.42 -15.36 -47.61
C GLY A 301 -6.56 -15.06 -46.65
N TYR A 302 -6.76 -13.79 -46.27
CA TYR A 302 -7.54 -13.36 -45.09
C TYR A 302 -8.32 -12.09 -45.42
N THR A 303 -9.51 -11.95 -44.80
CA THR A 303 -10.42 -10.80 -44.96
C THR A 303 -10.85 -10.25 -43.59
N PHE A 304 -10.56 -8.97 -43.33
CA PHE A 304 -10.96 -8.16 -42.16
C PHE A 304 -12.39 -8.43 -41.75
N LYS A 305 -12.68 -8.79 -40.48
CA LYS A 305 -14.02 -9.08 -39.91
C LYS A 305 -14.42 -7.92 -38.97
N ALA A 306 -13.63 -7.65 -37.91
CA ALA A 306 -13.86 -6.55 -36.95
C ALA A 306 -12.57 -6.18 -36.20
N SER A 307 -12.58 -4.98 -35.60
CA SER A 307 -11.53 -4.48 -34.67
C SER A 307 -12.07 -4.54 -33.24
N ASN A 308 -11.72 -5.60 -32.50
CA ASN A 308 -11.98 -5.71 -31.04
C ASN A 308 -10.92 -4.87 -30.31
N GLY A 309 -11.20 -4.51 -29.06
CA GLY A 309 -10.32 -3.69 -28.21
C GLY A 309 -10.57 -2.20 -28.41
N ALA A 310 -9.55 -1.43 -28.72
CA ALA A 310 -9.71 0.03 -28.74
C ALA A 310 -10.35 0.40 -30.08
N ALA A 311 -10.62 1.68 -30.27
CA ALA A 311 -10.96 2.23 -31.60
C ALA A 311 -9.74 2.06 -32.52
N THR A 312 -9.98 2.11 -33.84
CA THR A 312 -8.99 2.11 -34.94
C THR A 312 -8.28 3.47 -34.97
N SER A 313 -8.96 4.58 -34.62
CA SER A 313 -8.31 5.91 -34.40
C SER A 313 -8.70 6.41 -33.00
N GLY A 314 -8.26 7.64 -32.63
CA GLY A 314 -8.48 8.29 -31.33
C GLY A 314 -7.28 9.12 -30.84
N ASN A 315 -7.20 9.38 -29.51
CA ASN A 315 -6.16 10.23 -28.89
C ASN A 315 -5.32 9.35 -27.96
N TYR A 316 -4.04 9.71 -27.79
CA TYR A 316 -3.04 8.90 -27.04
C TYR A 316 -3.29 9.12 -25.55
N ALA A 317 -3.14 8.06 -24.76
CA ALA A 317 -3.32 8.15 -23.30
C ALA A 317 -2.23 7.37 -22.57
N ALA A 318 -2.04 7.78 -21.31
CA ALA A 318 -0.97 7.38 -20.37
C ALA A 318 -0.89 5.86 -20.22
N ASN A 319 -1.96 5.22 -19.77
CA ASN A 319 -2.03 3.73 -19.84
C ASN A 319 -2.24 3.38 -21.31
N ASP A 320 -1.69 2.24 -21.74
CA ASP A 320 -1.56 1.97 -23.19
C ASP A 320 -2.73 1.13 -23.68
N GLN A 321 -3.32 1.53 -24.83
CA GLN A 321 -4.55 0.97 -25.46
C GLN A 321 -4.18 0.05 -26.65
N THR A 322 -4.89 -1.05 -26.81
CA THR A 322 -4.61 -2.13 -27.79
C THR A 322 -5.83 -2.28 -28.71
N VAL A 323 -5.65 -2.18 -30.03
CA VAL A 323 -6.73 -2.48 -31.03
C VAL A 323 -6.36 -3.73 -31.84
N ASN A 324 -7.20 -4.74 -31.82
CA ASN A 324 -6.86 -5.99 -32.52
C ASN A 324 -7.74 -6.07 -33.77
N TYR A 325 -7.14 -6.11 -34.96
CA TYR A 325 -7.83 -6.36 -36.26
C TYR A 325 -7.95 -7.87 -36.44
N VAL A 326 -9.21 -8.32 -36.61
CA VAL A 326 -9.49 -9.78 -36.63
C VAL A 326 -9.85 -10.13 -38.05
N TYR A 327 -9.24 -11.18 -38.59
CA TYR A 327 -9.37 -11.59 -40.01
C TYR A 327 -10.05 -12.98 -40.12
N THR A 328 -10.91 -13.16 -41.12
CA THR A 328 -11.46 -14.49 -41.46
C THR A 328 -10.57 -15.06 -42.54
N ARG A 329 -10.26 -16.36 -42.44
CA ARG A 329 -9.46 -17.11 -43.44
C ARG A 329 -10.28 -17.29 -44.71
N ASN A 330 -9.84 -16.71 -45.84
CA ASN A 330 -10.52 -16.74 -47.16
C ASN A 330 -10.81 -18.20 -47.57
N GLN A 331 -12.07 -18.49 -47.91
CA GLN A 331 -12.53 -19.85 -48.32
C GLN A 331 -12.91 -19.81 -49.80
N GLY A 332 -12.44 -20.80 -50.57
CA GLY A 332 -12.65 -20.90 -52.02
C GLY A 332 -13.75 -21.88 -52.34
N SER A 333 -14.36 -21.73 -53.51
CA SER A 333 -15.45 -22.57 -54.06
C SER A 333 -14.87 -23.42 -55.19
N ILE A 334 -15.40 -24.62 -55.36
CA ILE A 334 -15.16 -25.55 -56.51
C ILE A 334 -16.42 -26.39 -56.67
N ASP A 335 -17.18 -26.32 -57.77
CA ASP A 335 -18.31 -27.27 -57.98
C ASP A 335 -17.97 -28.23 -59.12
N VAL A 336 -18.47 -29.45 -59.08
CA VAL A 336 -18.21 -30.43 -60.15
C VAL A 336 -19.55 -31.03 -60.58
N THR A 337 -20.14 -30.49 -61.64
CA THR A 337 -21.49 -30.90 -62.12
C THR A 337 -21.37 -32.18 -62.96
N TYR A 338 -22.17 -33.20 -62.65
CA TYR A 338 -22.25 -34.48 -63.40
C TYR A 338 -23.53 -34.46 -64.24
N ILE A 339 -23.42 -34.33 -65.57
CA ILE A 339 -24.59 -34.21 -66.50
C ILE A 339 -24.75 -35.49 -67.34
N ASP A 340 -26.02 -35.86 -67.56
CA ASP A 340 -26.44 -36.92 -68.51
C ASP A 340 -26.77 -36.25 -69.84
N GLN A 341 -25.90 -36.44 -70.84
CA GLN A 341 -25.99 -35.77 -72.15
C GLN A 341 -27.29 -36.20 -72.80
N THR A 342 -27.59 -37.49 -72.75
CA THR A 342 -28.82 -38.12 -73.27
C THR A 342 -30.03 -37.31 -72.78
N THR A 343 -30.26 -37.16 -71.47
CA THR A 343 -31.44 -36.42 -70.95
C THR A 343 -31.16 -34.92 -70.92
N GLY A 344 -29.90 -34.47 -71.09
CA GLY A 344 -29.51 -33.07 -70.82
C GLY A 344 -29.93 -32.65 -69.41
N GLN A 345 -29.73 -33.54 -68.43
CA GLN A 345 -30.18 -33.33 -67.01
C GLN A 345 -29.06 -33.74 -66.02
N THR A 346 -28.80 -32.82 -65.07
CA THR A 346 -27.80 -32.98 -63.99
C THR A 346 -28.14 -34.22 -63.16
N LEU A 347 -27.21 -35.18 -63.08
CA LEU A 347 -27.27 -36.40 -62.22
C LEU A 347 -26.92 -36.02 -60.78
N SER A 348 -25.82 -35.30 -60.61
CA SER A 348 -25.21 -34.95 -59.30
C SER A 348 -24.52 -33.60 -59.46
N LYS A 349 -24.54 -32.76 -58.42
CA LYS A 349 -23.58 -31.63 -58.31
C LYS A 349 -22.91 -31.74 -56.96
N LYS A 350 -21.56 -31.83 -56.88
CA LYS A 350 -20.73 -31.74 -55.64
C LYS A 350 -20.28 -30.28 -55.46
N ASP A 351 -20.52 -29.71 -54.27
CA ASP A 351 -19.96 -28.40 -53.83
C ASP A 351 -18.82 -28.69 -52.85
N LEU A 352 -17.68 -28.08 -53.11
CA LEU A 352 -16.49 -28.11 -52.25
C LEU A 352 -16.19 -26.67 -51.80
N SER A 353 -15.69 -26.52 -50.58
CA SER A 353 -15.32 -25.23 -49.97
C SER A 353 -14.22 -25.45 -48.94
N GLY A 354 -13.22 -24.60 -48.95
CA GLY A 354 -12.06 -24.74 -48.06
C GLY A 354 -11.23 -23.48 -48.10
N GLY A 355 -10.15 -23.43 -47.34
CA GLY A 355 -9.30 -22.24 -47.27
C GLY A 355 -8.43 -22.11 -48.50
N THR A 356 -8.32 -20.88 -48.98
CA THR A 356 -7.54 -20.50 -50.18
C THR A 356 -6.09 -20.95 -50.04
N GLY A 357 -5.75 -22.07 -50.63
CA GLY A 357 -4.40 -22.65 -50.57
C GLY A 357 -4.50 -24.12 -50.24
N ASP A 358 -5.58 -24.57 -49.61
CA ASP A 358 -5.68 -26.00 -49.21
C ASP A 358 -6.16 -26.83 -50.40
N SER A 359 -5.96 -28.15 -50.37
CA SER A 359 -6.44 -29.14 -51.39
C SER A 359 -7.89 -29.57 -51.11
N SER A 360 -8.77 -29.66 -52.10
CA SER A 360 -10.16 -30.19 -51.96
C SER A 360 -10.09 -31.67 -51.61
N ASN A 361 -9.02 -32.34 -52.03
CA ASN A 361 -8.88 -33.82 -52.01
C ASN A 361 -10.13 -34.44 -52.63
N TYR A 362 -10.49 -34.08 -53.86
CA TYR A 362 -11.63 -34.69 -54.59
C TYR A 362 -11.13 -35.33 -55.88
N THR A 363 -11.81 -36.36 -56.34
CA THR A 363 -11.51 -37.09 -57.61
C THR A 363 -12.85 -37.48 -58.16
N THR A 364 -12.98 -37.43 -59.48
CA THR A 364 -14.27 -37.64 -60.16
C THR A 364 -14.55 -39.14 -60.17
N THR A 365 -13.53 -39.92 -60.51
CA THR A 365 -13.50 -41.42 -60.64
C THR A 365 -14.61 -42.15 -59.86
N ASP A 366 -14.76 -41.89 -58.55
CA ASP A 366 -15.76 -42.60 -57.69
C ASP A 366 -17.16 -42.33 -58.20
N THR A 367 -17.54 -41.06 -58.26
CA THR A 367 -18.88 -40.65 -58.78
C THR A 367 -19.05 -41.13 -60.22
N ILE A 368 -18.01 -41.04 -61.06
CA ILE A 368 -18.02 -41.59 -62.46
C ILE A 368 -18.36 -43.09 -62.38
N LYS A 369 -17.51 -43.88 -61.72
CA LYS A 369 -17.71 -45.34 -61.49
C LYS A 369 -19.19 -45.62 -61.17
N SER A 370 -19.70 -45.02 -60.07
CA SER A 370 -21.11 -45.10 -59.63
C SER A 370 -22.01 -45.11 -60.88
N TYR A 371 -21.96 -44.06 -61.69
CA TYR A 371 -22.79 -43.92 -62.91
C TYR A 371 -22.41 -45.00 -63.95
N THR A 372 -21.13 -45.41 -64.10
CA THR A 372 -20.67 -46.41 -65.12
C THR A 372 -21.18 -47.82 -64.76
N ASP A 373 -21.27 -48.10 -63.46
CA ASP A 373 -21.96 -49.33 -62.94
C ASP A 373 -23.41 -49.34 -63.41
N ALA A 374 -24.16 -48.24 -63.25
CA ALA A 374 -25.56 -48.12 -63.75
C ALA A 374 -25.61 -48.00 -65.30
N GLY A 375 -24.54 -48.35 -66.04
CA GLY A 375 -24.53 -48.41 -67.52
C GLY A 375 -24.47 -47.05 -68.22
N TYR A 376 -23.76 -46.09 -67.63
CA TYR A 376 -23.44 -44.81 -68.28
C TYR A 376 -22.07 -44.96 -68.92
N GLU A 377 -21.74 -44.07 -69.86
CA GLU A 377 -20.43 -44.01 -70.57
C GLU A 377 -19.86 -42.59 -70.40
N LEU A 378 -18.59 -42.50 -69.96
CA LEU A 378 -17.96 -41.18 -69.77
C LEU A 378 -17.67 -40.55 -71.12
N VAL A 379 -18.11 -39.30 -71.35
CA VAL A 379 -17.82 -38.56 -72.61
C VAL A 379 -16.69 -37.54 -72.32
N SER A 380 -16.76 -36.81 -71.19
CA SER A 380 -15.87 -35.67 -70.90
C SER A 380 -15.71 -35.50 -69.39
N ASP A 381 -14.53 -35.04 -68.94
CA ASP A 381 -14.18 -34.78 -67.53
C ASP A 381 -13.18 -33.63 -67.46
N ASN A 382 -13.59 -32.36 -67.34
CA ASN A 382 -12.62 -31.22 -67.33
C ASN A 382 -12.01 -30.98 -65.92
N TYR A 383 -12.35 -31.83 -64.93
CA TYR A 383 -11.75 -31.77 -63.57
C TYR A 383 -10.33 -32.31 -63.62
N PRO A 384 -9.35 -31.53 -63.12
CA PRO A 384 -7.94 -31.93 -63.16
C PRO A 384 -7.74 -33.30 -62.51
N SER A 385 -7.12 -34.24 -63.23
CA SER A 385 -6.79 -35.58 -62.71
C SER A 385 -5.83 -35.41 -61.51
N GLY A 386 -4.93 -34.40 -61.53
CA GLY A 386 -4.04 -34.02 -60.41
C GLY A 386 -4.74 -33.25 -59.29
N GLY A 387 -6.06 -33.42 -59.08
CA GLY A 387 -6.82 -32.79 -57.98
C GLY A 387 -6.78 -31.28 -58.04
N THR A 388 -7.63 -30.61 -57.27
CA THR A 388 -7.72 -29.12 -57.28
C THR A 388 -7.24 -28.50 -55.98
N VAL A 389 -7.16 -27.19 -55.97
CA VAL A 389 -6.83 -26.45 -54.73
C VAL A 389 -7.77 -25.26 -54.67
N PHE A 390 -8.23 -24.87 -53.51
CA PHE A 390 -9.23 -23.78 -53.32
C PHE A 390 -8.55 -22.42 -53.59
N THR A 391 -9.18 -21.56 -54.41
CA THR A 391 -8.63 -20.24 -54.80
C THR A 391 -9.70 -19.21 -54.63
N ASP A 392 -9.24 -17.96 -54.53
CA ASP A 392 -10.06 -16.76 -54.21
C ASP A 392 -11.15 -16.65 -55.29
N THR A 393 -10.82 -16.91 -56.56
CA THR A 393 -11.81 -17.06 -57.65
C THR A 393 -12.40 -18.47 -57.56
N ALA A 394 -13.72 -18.56 -57.65
CA ALA A 394 -14.47 -19.83 -57.69
C ALA A 394 -14.07 -20.69 -58.92
N GLN A 395 -14.19 -22.00 -58.88
CA GLN A 395 -13.80 -22.93 -59.96
C GLN A 395 -15.05 -23.74 -60.22
N HIS A 396 -15.35 -24.04 -61.49
CA HIS A 396 -16.54 -24.80 -61.94
C HIS A 396 -16.07 -25.87 -62.94
N TYR A 397 -16.48 -27.10 -62.73
CA TYR A 397 -16.01 -28.26 -63.51
C TYR A 397 -17.27 -29.05 -63.85
N VAL A 398 -17.18 -29.81 -64.96
CA VAL A 398 -18.31 -30.56 -65.58
C VAL A 398 -17.79 -31.95 -65.97
N VAL A 399 -18.59 -32.95 -65.64
CA VAL A 399 -18.34 -34.35 -66.08
C VAL A 399 -19.56 -34.80 -66.86
N ASN A 400 -19.42 -35.01 -68.15
CA ASN A 400 -20.55 -35.32 -69.04
C ASN A 400 -20.56 -36.83 -69.26
N LEU A 401 -21.68 -37.46 -68.93
CA LEU A 401 -21.88 -38.91 -69.19
C LEU A 401 -23.05 -39.09 -70.15
N LYS A 402 -23.07 -40.21 -70.87
CA LYS A 402 -24.17 -40.52 -71.79
C LYS A 402 -24.66 -41.94 -71.53
N GLN A 403 -25.96 -42.15 -71.64
CA GLN A 403 -26.57 -43.50 -71.49
C GLN A 403 -26.00 -44.39 -72.58
N LYS A 404 -25.31 -45.47 -72.16
CA LYS A 404 -24.54 -46.36 -73.07
C LYS A 404 -25.53 -47.10 -73.96
N LEU A 405 -25.13 -47.37 -75.20
CA LEU A 405 -26.01 -48.09 -76.14
C LEU A 405 -25.21 -49.21 -76.80
N VAL A 406 -25.53 -50.47 -76.47
CA VAL A 406 -24.90 -51.71 -77.04
C VAL A 406 -25.72 -52.23 -78.25
N VAL A 407 -25.08 -52.16 -79.43
CA VAL A 407 -25.66 -52.48 -80.78
C VAL A 407 -25.57 -54.00 -81.00
N SER A 408 -26.62 -54.74 -80.63
CA SER A 408 -26.79 -56.20 -80.85
C SER A 408 -27.12 -56.48 -82.32
N SER A 409 -26.78 -57.66 -82.81
CA SER A 409 -27.28 -58.15 -84.12
C SER A 409 -28.35 -59.21 -83.85
N GLU A 410 -29.51 -59.13 -84.52
CA GLU A 410 -30.55 -60.18 -84.47
C GLU A 410 -30.47 -60.97 -85.77
N GLN A 411 -30.62 -62.30 -85.74
CA GLN A 411 -30.63 -63.10 -87.00
C GLN A 411 -31.86 -64.00 -87.03
N LYS A 412 -32.35 -64.29 -88.23
CA LYS A 412 -33.49 -65.21 -88.46
C LYS A 412 -33.33 -65.83 -89.84
N GLN A 413 -33.59 -67.13 -89.90
CA GLN A 413 -33.53 -67.91 -91.15
C GLN A 413 -34.89 -68.55 -91.39
N VAL A 414 -35.49 -68.32 -92.56
CA VAL A 414 -36.69 -69.09 -93.03
C VAL A 414 -36.18 -70.14 -94.01
N ASN A 415 -36.46 -71.42 -93.76
CA ASN A 415 -35.99 -72.53 -94.63
C ASN A 415 -37.19 -73.30 -95.22
N GLU A 416 -37.01 -73.96 -96.39
CA GLU A 416 -38.02 -74.79 -97.11
C GLU A 416 -37.37 -76.16 -97.24
N THR A 417 -38.04 -77.23 -96.82
CA THR A 417 -37.61 -78.63 -97.04
C THR A 417 -38.68 -79.39 -97.83
N ILE A 418 -38.37 -79.96 -98.99
CA ILE A 418 -39.28 -80.89 -99.70
C ILE A 418 -38.74 -82.32 -99.51
N GLN A 419 -39.51 -83.20 -98.85
CA GLN A 419 -39.19 -84.67 -98.68
C GLN A 419 -39.80 -85.44 -99.86
N TYR A 420 -39.07 -86.39 -100.42
CA TYR A 420 -39.55 -87.23 -101.54
C TYR A 420 -39.55 -88.66 -100.99
N VAL A 421 -40.73 -89.24 -100.79
CA VAL A 421 -40.93 -90.54 -100.09
C VAL A 421 -41.81 -91.45 -100.95
N TYR A 422 -41.81 -92.76 -100.68
CA TYR A 422 -42.82 -93.74 -101.19
C TYR A 422 -43.95 -93.88 -100.16
N GLU A 423 -44.94 -94.74 -100.44
CA GLU A 423 -46.17 -94.84 -99.59
C GLU A 423 -45.87 -95.69 -98.34
N ASP A 424 -44.70 -96.32 -98.22
CA ASP A 424 -44.24 -96.92 -96.94
C ASP A 424 -43.43 -95.89 -96.13
N GLY A 425 -43.37 -94.62 -96.58
CA GLY A 425 -42.57 -93.56 -95.94
C GLY A 425 -41.06 -93.70 -96.18
N SER A 426 -40.62 -94.75 -96.87
CA SER A 426 -39.19 -94.87 -97.23
C SER A 426 -38.78 -93.70 -98.15
N LYS A 427 -37.52 -93.28 -98.03
CA LYS A 427 -36.89 -92.24 -98.86
C LYS A 427 -36.92 -92.67 -100.33
N ALA A 428 -37.54 -91.89 -101.22
CA ALA A 428 -37.60 -92.12 -102.68
C ALA A 428 -36.42 -91.38 -103.34
N ALA A 429 -36.15 -90.13 -102.91
CA ALA A 429 -35.04 -89.25 -103.38
C ALA A 429 -34.56 -88.37 -102.21
N ASP A 430 -33.37 -87.75 -102.35
CA ASP A 430 -32.74 -86.98 -101.24
C ASP A 430 -33.54 -85.73 -100.96
N ASP A 431 -33.74 -85.42 -99.67
CA ASP A 431 -34.52 -84.24 -99.22
C ASP A 431 -33.97 -83.05 -99.99
N TYR A 432 -34.87 -82.17 -100.44
CA TYR A 432 -34.46 -80.86 -100.99
C TYR A 432 -34.52 -79.80 -99.91
N ASN A 433 -33.35 -79.38 -99.43
CA ASN A 433 -33.21 -78.18 -98.58
C ASN A 433 -32.94 -77.05 -99.56
N ALA A 434 -33.92 -76.15 -99.74
CA ALA A 434 -33.86 -75.00 -100.67
C ALA A 434 -32.99 -73.91 -100.05
N PRO A 435 -32.19 -73.21 -100.89
CA PRO A 435 -31.33 -72.11 -100.47
C PRO A 435 -32.06 -71.21 -99.47
N PRO A 436 -31.66 -71.22 -98.20
CA PRO A 436 -32.38 -70.51 -97.14
C PRO A 436 -32.42 -69.00 -97.38
N LEU A 437 -33.47 -68.35 -96.87
CA LEU A 437 -33.71 -66.89 -96.91
C LEU A 437 -33.38 -66.34 -95.53
N ASN A 438 -32.25 -65.65 -95.44
CA ASN A 438 -31.74 -65.08 -94.17
C ASN A 438 -32.27 -63.66 -94.04
N PHE A 439 -32.37 -63.21 -92.78
CA PHE A 439 -32.90 -61.89 -92.34
C PHE A 439 -32.14 -61.40 -91.10
N THR A 440 -31.71 -60.15 -91.13
CA THR A 440 -30.80 -59.52 -90.14
C THR A 440 -31.38 -58.17 -89.76
N ARG A 441 -31.49 -57.95 -88.46
CA ARG A 441 -31.92 -56.69 -87.83
C ARG A 441 -30.75 -56.15 -87.01
N SER A 442 -30.84 -54.92 -86.55
CA SER A 442 -29.91 -54.38 -85.53
C SER A 442 -30.74 -53.95 -84.31
N VAL A 443 -30.46 -54.56 -83.16
CA VAL A 443 -31.04 -54.15 -81.85
C VAL A 443 -30.06 -53.22 -81.14
N THR A 444 -30.55 -52.17 -80.49
CA THR A 444 -29.72 -51.22 -79.71
C THR A 444 -30.25 -51.20 -78.28
N THR A 445 -29.56 -51.88 -77.34
CA THR A 445 -30.00 -51.92 -75.92
C THR A 445 -29.42 -50.73 -75.13
N ASN A 446 -30.29 -49.94 -74.49
CA ASN A 446 -29.94 -48.83 -73.56
C ASN A 446 -29.52 -49.41 -72.21
N GLN A 447 -28.22 -49.47 -71.91
CA GLN A 447 -27.68 -50.16 -70.71
C GLN A 447 -28.20 -49.48 -69.42
N VAL A 448 -28.95 -48.37 -69.52
CA VAL A 448 -29.50 -47.68 -68.31
C VAL A 448 -30.98 -48.07 -68.18
N THR A 449 -31.84 -47.64 -69.12
CA THR A 449 -33.33 -47.77 -69.02
C THR A 449 -33.80 -49.20 -69.38
N GLY A 450 -33.00 -49.97 -70.14
CA GLY A 450 -33.42 -51.29 -70.69
C GLY A 450 -33.97 -51.19 -72.12
N GLU A 451 -34.64 -50.07 -72.47
CA GLU A 451 -35.19 -49.79 -73.83
C GLU A 451 -34.30 -50.43 -74.88
N LYS A 452 -34.86 -51.33 -75.72
CA LYS A 452 -34.23 -51.89 -76.95
C LYS A 452 -34.82 -51.20 -78.19
N THR A 453 -33.96 -50.79 -79.12
CA THR A 453 -34.40 -50.07 -80.34
C THR A 453 -34.16 -50.97 -81.54
N TYR A 454 -35.12 -51.87 -81.84
CA TYR A 454 -35.03 -52.91 -82.91
C TYR A 454 -35.03 -52.21 -84.28
N GLY A 455 -34.10 -52.52 -85.19
CA GLY A 455 -33.96 -51.86 -86.51
C GLY A 455 -34.94 -52.43 -87.53
N ASP A 456 -34.58 -52.40 -88.81
CA ASP A 456 -35.46 -52.85 -89.92
C ASP A 456 -35.07 -54.27 -90.38
N TRP A 457 -35.97 -55.26 -90.21
CA TRP A 457 -35.76 -56.66 -90.66
C TRP A 457 -35.33 -56.67 -92.13
N GLN A 458 -34.04 -56.89 -92.41
CA GLN A 458 -33.44 -56.75 -93.77
C GLN A 458 -33.09 -58.14 -94.33
N ALA A 459 -33.74 -58.52 -95.44
CA ALA A 459 -33.61 -59.80 -96.18
C ALA A 459 -32.27 -59.85 -96.92
N GLN A 460 -31.39 -60.79 -96.57
CA GLN A 460 -30.03 -60.86 -97.17
C GLN A 460 -30.12 -61.60 -98.50
N ASN A 461 -31.06 -62.53 -98.61
CA ASN A 461 -31.06 -63.49 -99.74
C ASN A 461 -32.33 -63.28 -100.54
N GLY A 462 -33.32 -62.58 -99.95
CA GLY A 462 -34.54 -62.14 -100.64
C GLY A 462 -35.79 -62.61 -99.92
N ASP A 463 -36.89 -62.74 -100.68
CA ASP A 463 -38.24 -63.15 -100.18
C ASP A 463 -38.82 -64.36 -100.95
N SER A 464 -38.17 -64.83 -102.03
CA SER A 464 -38.69 -65.85 -102.99
C SER A 464 -38.10 -67.26 -102.69
N PHE A 465 -38.96 -68.26 -102.45
CA PHE A 465 -38.62 -69.72 -102.46
C PHE A 465 -39.06 -70.28 -103.81
N GLY A 466 -38.10 -70.76 -104.61
CA GLY A 466 -38.33 -71.12 -106.02
C GLY A 466 -39.24 -72.33 -106.17
N GLU A 467 -39.73 -72.50 -107.40
CA GLU A 467 -40.51 -73.70 -107.78
C GLU A 467 -39.50 -74.86 -107.90
N VAL A 468 -39.86 -76.09 -107.43
CA VAL A 468 -38.97 -77.30 -107.37
C VAL A 468 -39.65 -78.49 -108.05
N VAL A 469 -39.38 -78.69 -109.35
CA VAL A 469 -39.93 -79.82 -110.15
C VAL A 469 -39.49 -81.14 -109.51
N SER A 470 -40.44 -81.97 -109.10
CA SER A 470 -40.13 -83.20 -108.32
C SER A 470 -39.47 -84.21 -109.24
N PRO A 471 -38.37 -84.87 -108.78
CA PRO A 471 -37.66 -85.90 -109.54
C PRO A 471 -38.61 -86.86 -110.24
N THR A 472 -38.20 -87.37 -111.40
CA THR A 472 -38.90 -88.43 -112.15
C THR A 472 -38.26 -89.78 -111.75
N ILE A 473 -39.03 -90.64 -111.09
CA ILE A 473 -38.64 -92.03 -110.75
C ILE A 473 -39.37 -92.97 -111.72
N LYS A 474 -38.59 -93.77 -112.46
CA LYS A 474 -39.10 -94.79 -113.42
C LYS A 474 -40.04 -95.76 -112.69
N GLY A 475 -41.26 -95.93 -113.23
CA GLY A 475 -42.29 -96.84 -112.69
C GLY A 475 -42.99 -96.27 -111.47
N GLU A 476 -42.97 -94.94 -111.26
CA GLU A 476 -43.72 -94.26 -110.17
C GLU A 476 -44.35 -92.95 -110.70
N THR A 477 -45.40 -92.49 -110.04
CA THR A 477 -46.02 -91.16 -110.25
C THR A 477 -46.10 -90.38 -108.92
N ALA A 478 -45.32 -89.31 -108.83
CA ALA A 478 -45.41 -88.33 -107.72
C ALA A 478 -46.80 -87.68 -107.64
N ASP A 479 -47.35 -87.54 -106.43
CA ASP A 479 -48.63 -86.81 -106.19
C ASP A 479 -48.41 -85.33 -106.59
N GLN A 480 -47.27 -84.71 -106.27
CA GLN A 480 -46.94 -83.30 -106.66
C GLN A 480 -45.72 -83.32 -107.59
N LEU A 481 -45.88 -83.14 -108.92
CA LEU A 481 -44.76 -83.27 -109.92
C LEU A 481 -43.83 -82.06 -109.88
N LYS A 482 -44.26 -81.00 -109.15
CA LYS A 482 -43.53 -79.75 -108.82
C LYS A 482 -44.13 -79.14 -107.54
N ILE A 483 -43.30 -78.41 -106.80
CA ILE A 483 -43.70 -77.51 -105.67
C ILE A 483 -43.67 -76.08 -106.20
N ASP A 484 -44.81 -75.39 -106.13
CA ASP A 484 -44.98 -74.04 -106.72
C ASP A 484 -44.15 -73.02 -105.94
N ALA A 485 -43.55 -72.05 -106.66
CA ALA A 485 -42.73 -70.96 -106.10
C ALA A 485 -43.57 -70.14 -105.09
N ILE A 486 -43.02 -69.87 -103.90
CA ILE A 486 -43.70 -69.17 -102.75
C ILE A 486 -42.94 -67.85 -102.48
N SER A 487 -43.53 -66.71 -102.88
CA SER A 487 -42.98 -65.34 -102.66
C SER A 487 -43.68 -64.63 -101.47
N GLY A 488 -43.12 -63.48 -101.05
CA GLY A 488 -43.54 -62.68 -99.87
C GLY A 488 -43.09 -63.32 -98.56
N ILE A 489 -41.91 -63.93 -98.53
CA ILE A 489 -41.38 -64.52 -97.27
C ILE A 489 -40.83 -63.33 -96.48
N THR A 490 -41.35 -63.16 -95.28
CA THR A 490 -40.93 -62.11 -94.31
C THR A 490 -40.16 -62.79 -93.18
N ALA A 491 -39.50 -61.99 -92.36
CA ALA A 491 -38.57 -62.48 -91.33
C ALA A 491 -39.26 -63.51 -90.41
N ASN A 492 -40.59 -63.41 -90.15
CA ASN A 492 -41.26 -64.24 -89.12
C ASN A 492 -42.07 -65.39 -89.77
N SER A 493 -42.24 -65.40 -91.11
CA SER A 493 -42.81 -66.52 -91.90
C SER A 493 -42.26 -67.84 -91.32
N ALA A 494 -43.08 -68.89 -91.20
CA ALA A 494 -42.69 -70.19 -90.57
C ALA A 494 -42.03 -71.09 -91.63
N ASP A 495 -41.11 -71.97 -91.23
CA ASP A 495 -40.33 -72.80 -92.20
C ASP A 495 -41.32 -73.60 -93.06
N ILE A 496 -41.21 -73.56 -94.37
CA ILE A 496 -42.06 -74.36 -95.30
C ILE A 496 -41.57 -75.82 -95.31
N GLN A 497 -42.42 -76.75 -94.84
CA GLN A 497 -42.25 -78.24 -94.83
C GLN A 497 -43.29 -78.89 -95.78
N LYS A 498 -42.85 -79.69 -96.74
CA LYS A 498 -43.70 -80.34 -97.77
C LYS A 498 -43.23 -81.79 -98.01
N LYS A 499 -44.12 -82.64 -98.53
CA LYS A 499 -43.87 -84.08 -98.76
C LYS A 499 -44.47 -84.52 -100.10
N VAL A 500 -43.64 -85.03 -101.01
CA VAL A 500 -44.06 -85.60 -102.32
C VAL A 500 -44.10 -87.12 -102.16
N VAL A 501 -45.28 -87.73 -102.31
CA VAL A 501 -45.52 -89.21 -102.21
C VAL A 501 -45.62 -89.80 -103.61
N TYR A 502 -44.83 -90.84 -103.86
CA TYR A 502 -44.78 -91.59 -105.14
C TYR A 502 -45.58 -92.89 -104.99
N LYS A 503 -46.58 -93.06 -105.86
CA LYS A 503 -47.38 -94.30 -106.04
C LYS A 503 -46.77 -95.14 -107.18
N ARG A 504 -46.79 -96.47 -107.08
CA ARG A 504 -46.17 -97.41 -108.05
C ARG A 504 -46.88 -97.34 -109.42
N ASN A 505 -46.09 -97.35 -110.50
CA ASN A 505 -46.51 -97.29 -111.93
C ASN A 505 -46.66 -95.82 -112.37
N THR B 34 36.99 24.80 53.08
CA THR B 34 36.37 24.98 51.70
C THR B 34 36.92 26.30 51.07
N SER B 35 37.04 26.39 49.72
CA SER B 35 37.45 27.60 48.92
C SER B 35 36.25 28.50 48.63
N ARG B 36 35.10 28.18 49.23
CA ARG B 36 33.80 28.89 49.18
C ARG B 36 33.66 29.84 50.39
N ASP B 37 34.46 29.69 51.47
CA ASP B 37 34.52 30.68 52.59
C ASP B 37 34.97 32.02 51.98
N ILE B 38 34.11 33.01 51.94
CA ILE B 38 34.48 34.32 51.35
C ILE B 38 34.08 35.45 52.30
N THR B 39 34.54 36.67 51.98
CA THR B 39 34.17 37.89 52.72
C THR B 39 33.76 39.01 51.74
N VAL B 40 32.53 39.43 51.81
CA VAL B 40 32.11 40.60 51.01
C VAL B 40 32.49 41.81 51.83
N TYR B 41 33.33 42.66 51.25
CA TYR B 41 33.73 43.96 51.84
C TYR B 41 32.86 45.08 51.24
N PRO B 42 32.63 46.18 51.96
CA PRO B 42 31.79 47.27 51.47
C PRO B 42 32.02 47.75 50.03
N LYS B 43 33.26 47.71 49.57
CA LYS B 43 33.55 48.06 48.15
C LYS B 43 32.91 47.05 47.19
N ASP B 44 32.80 45.77 47.56
CA ASP B 44 32.33 44.70 46.62
C ASP B 44 30.86 44.36 46.86
N PHE B 45 30.08 45.21 47.53
CA PHE B 45 28.65 44.98 47.87
C PHE B 45 27.89 44.48 46.64
N LEU B 46 27.88 45.22 45.53
CA LEU B 46 27.06 44.93 44.32
C LEU B 46 27.62 43.75 43.50
N THR B 47 28.70 43.14 43.96
CA THR B 47 29.31 41.96 43.31
C THR B 47 28.66 40.71 43.88
N TYR B 48 28.18 40.78 45.11
CA TYR B 48 27.49 39.65 45.79
C TYR B 48 26.01 39.99 46.09
N PHE B 49 25.57 41.20 45.80
CA PHE B 49 24.19 41.63 46.10
C PHE B 49 23.54 42.20 44.82
N GLN B 50 22.24 41.97 44.68
CA GLN B 50 21.47 42.50 43.54
C GLN B 50 20.38 43.41 44.09
N ARG B 51 20.42 44.68 43.70
CA ARG B 51 19.39 45.70 44.07
C ARG B 51 18.15 45.41 43.25
N ASN B 52 17.01 45.24 43.90
CA ASN B 52 15.73 44.92 43.23
C ASN B 52 14.69 45.93 43.73
N GLY B 53 13.73 46.30 42.88
CA GLY B 53 12.62 47.16 43.30
C GLY B 53 13.14 48.57 43.43
N SER B 54 12.67 49.31 44.43
CA SER B 54 13.05 50.74 44.58
C SER B 54 14.58 50.86 44.73
N ALA B 55 15.22 49.80 45.26
CA ALA B 55 16.69 49.78 45.48
C ALA B 55 17.33 50.03 44.14
N ALA B 56 16.77 49.46 43.07
CA ALA B 56 17.40 49.44 41.73
C ALA B 56 17.36 50.82 41.07
N GLY B 57 16.77 51.81 41.69
CA GLY B 57 16.68 53.18 41.14
C GLY B 57 17.62 54.13 41.85
N PHE B 58 18.48 53.63 42.73
CA PHE B 58 19.50 54.46 43.39
C PHE B 58 20.86 53.76 43.38
N ASP B 59 21.86 54.31 42.69
CA ASP B 59 23.17 53.61 42.60
C ASP B 59 23.80 53.50 43.99
N TYR B 60 24.71 52.55 44.17
CA TYR B 60 25.38 52.32 45.47
C TYR B 60 26.38 53.43 45.75
N ASP B 61 26.15 54.23 46.79
CA ASP B 61 26.92 55.48 47.09
C ASP B 61 28.30 55.06 47.60
N LEU B 62 29.26 54.93 46.67
CA LEU B 62 30.59 54.31 46.92
C LEU B 62 31.37 55.26 47.82
N ALA B 63 30.93 56.52 47.88
CA ALA B 63 31.41 57.56 48.81
C ALA B 63 31.17 57.13 50.24
N THR B 64 29.93 56.90 50.66
CA THR B 64 29.66 56.51 52.07
C THR B 64 29.44 54.99 52.24
N TYR B 65 29.48 54.18 51.18
CA TYR B 65 29.17 52.72 51.21
C TYR B 65 27.74 52.56 51.73
N THR B 66 26.80 53.20 51.03
CA THR B 66 25.37 53.26 51.44
C THR B 66 24.48 52.80 50.29
N GLN B 67 23.54 51.89 50.58
CA GLN B 67 22.53 51.37 49.62
C GLN B 67 21.15 51.81 50.07
N THR B 68 20.45 52.53 49.20
CA THR B 68 19.05 52.87 49.47
C THR B 68 18.18 51.65 49.15
N LEU B 69 17.38 51.22 50.12
CA LEU B 69 16.35 50.18 49.93
C LEU B 69 15.06 50.87 49.49
N THR B 70 14.46 51.70 50.32
CA THR B 70 13.33 52.57 49.92
C THR B 70 13.69 54.02 50.16
N PRO B 71 13.26 54.90 49.23
CA PRO B 71 13.29 56.34 49.44
C PRO B 71 12.17 56.79 50.39
N ASN B 72 12.20 58.05 50.82
CA ASN B 72 11.16 58.64 51.69
C ASN B 72 9.95 59.01 50.83
N LYS B 73 9.60 58.12 49.88
CA LYS B 73 8.33 58.17 49.12
C LYS B 73 7.37 57.14 49.75
N ALA B 74 6.13 57.07 49.26
CA ALA B 74 5.08 56.16 49.78
C ALA B 74 4.93 54.98 48.81
N SER B 75 4.32 53.90 49.26
CA SER B 75 4.06 52.69 48.44
C SER B 75 5.34 52.20 47.75
N GLN B 76 6.47 52.22 48.46
CA GLN B 76 7.78 51.75 47.93
C GLN B 76 8.11 50.36 48.48
N ALA B 77 8.82 49.57 47.70
CA ALA B 77 9.31 48.26 48.14
C ALA B 77 10.61 47.91 47.41
N GLY B 78 11.70 47.77 48.16
CA GLY B 78 13.04 47.52 47.59
C GLY B 78 13.81 46.48 48.39
N ASN B 79 14.78 45.85 47.78
CA ASN B 79 15.52 44.79 48.49
C ASN B 79 16.92 44.63 47.87
N VAL B 80 17.72 43.81 48.48
CA VAL B 80 18.94 43.33 47.83
C VAL B 80 18.92 41.83 48.08
N THR B 81 19.26 41.09 47.05
CA THR B 81 19.29 39.61 47.14
C THR B 81 20.72 39.16 46.97
N LEU B 82 21.20 38.32 47.86
CA LEU B 82 22.53 37.76 47.70
C LEU B 82 22.56 37.00 46.37
N LYS B 83 23.58 37.23 45.54
CA LYS B 83 23.73 36.55 44.22
C LYS B 83 24.01 35.08 44.43
N THR B 84 24.42 34.59 45.58
CA THR B 84 24.62 33.13 45.81
C THR B 84 23.66 32.72 46.91
N LYS B 85 23.77 31.47 47.33
CA LYS B 85 23.08 30.98 48.55
C LYS B 85 24.12 30.79 49.69
N VAL B 86 23.67 30.56 50.93
CA VAL B 86 24.55 30.49 52.13
C VAL B 86 24.63 29.06 52.63
N ASP B 87 25.83 28.54 52.80
CA ASP B 87 26.02 27.21 53.41
C ASP B 87 25.66 27.40 54.87
N MET B 88 24.50 26.83 55.30
CA MET B 88 23.93 26.92 56.67
C MET B 88 24.55 25.83 57.54
N SER B 89 25.52 25.13 56.99
CA SER B 89 26.25 24.11 57.74
C SER B 89 27.45 24.85 58.32
N GLN B 90 27.77 26.02 57.79
CA GLN B 90 28.94 26.83 58.25
C GLN B 90 28.50 28.17 58.86
N ASN B 91 29.42 28.83 59.54
CA ASN B 91 29.11 30.05 60.34
C ASN B 91 28.98 31.23 59.41
N PHE B 92 28.37 32.29 59.87
CA PHE B 92 28.39 33.53 59.07
C PHE B 92 28.31 34.70 60.02
N THR B 93 28.76 35.85 59.56
CA THR B 93 28.75 37.08 60.35
C THR B 93 28.51 38.23 59.44
N PHE B 94 27.34 38.81 59.60
CA PHE B 94 26.94 40.06 58.92
C PHE B 94 27.04 41.27 59.85
N THR B 95 27.80 42.28 59.42
CA THR B 95 27.86 43.58 60.12
C THR B 95 27.42 44.65 59.14
N GLY B 96 26.86 45.71 59.67
CA GLY B 96 26.60 46.96 58.93
C GLY B 96 25.90 47.98 59.80
N LYS B 97 25.48 49.08 59.20
CA LYS B 97 24.65 50.10 59.88
C LYS B 97 23.35 50.18 59.12
N ILE B 98 22.23 50.43 59.79
CA ILE B 98 20.89 50.59 59.17
C ILE B 98 20.23 51.93 59.61
N ASN B 99 19.95 52.74 58.62
CA ASN B 99 19.05 53.90 58.79
C ASN B 99 17.63 53.40 58.64
N LEU B 100 16.84 53.46 59.68
CA LEU B 100 15.38 53.11 59.66
C LEU B 100 14.49 54.31 59.31
N GLY B 101 15.10 55.49 59.10
CA GLY B 101 14.43 56.73 58.70
C GLY B 101 14.42 57.81 59.77
N ASP B 102 13.48 58.76 59.63
CA ASP B 102 13.43 60.03 60.41
C ASP B 102 12.08 60.26 61.10
N LYS B 103 11.00 59.50 60.77
CA LYS B 103 9.65 59.57 61.40
C LYS B 103 9.29 58.28 62.16
N ALA B 104 8.42 58.36 63.14
CA ALA B 104 7.89 57.20 63.89
C ALA B 104 6.49 56.85 63.39
N GLN B 105 5.93 55.73 63.83
CA GLN B 105 4.57 55.36 63.39
C GLN B 105 3.61 56.50 63.67
N ASN B 106 3.77 57.20 64.82
CA ASN B 106 2.87 58.26 65.35
C ASN B 106 3.02 59.52 64.52
N ALA B 107 4.18 59.63 63.85
CA ALA B 107 4.55 60.80 63.04
C ALA B 107 4.65 60.47 61.54
N GLY B 108 4.06 59.35 61.09
CA GLY B 108 3.92 59.00 59.66
C GLY B 108 5.03 58.15 59.09
N GLY B 109 5.72 57.35 59.93
CA GLY B 109 6.86 56.50 59.57
C GLY B 109 6.52 55.01 59.52
N ALA B 110 7.08 54.30 58.52
CA ALA B 110 6.87 52.87 58.20
C ALA B 110 7.76 52.49 57.01
N ASP B 111 8.02 51.20 56.73
CA ASP B 111 7.40 50.03 57.34
C ASP B 111 8.45 49.31 58.19
N GLY B 112 9.73 49.35 57.81
CA GLY B 112 10.78 48.63 58.54
C GLY B 112 11.73 47.91 57.61
N VAL B 113 12.66 47.16 58.17
CA VAL B 113 13.67 46.46 57.34
C VAL B 113 13.62 45.01 57.75
N GLY B 114 13.65 44.11 56.77
CA GLY B 114 13.51 42.68 57.06
C GLY B 114 14.66 41.86 56.51
N PHE B 115 15.10 40.88 57.29
CA PHE B 115 16.23 40.01 56.90
C PHE B 115 15.71 38.62 56.63
N LEU B 116 15.72 38.13 55.39
CA LEU B 116 15.07 36.84 55.02
C LEU B 116 16.07 35.74 54.63
N PHE B 117 15.89 34.57 55.19
CA PHE B 117 16.48 33.30 54.69
C PHE B 117 15.32 32.38 54.26
N HIS B 118 15.45 31.73 53.10
CA HIS B 118 14.49 30.72 52.59
C HIS B 118 15.23 29.79 51.68
N PRO B 119 14.80 28.51 51.55
CA PRO B 119 15.49 27.48 50.76
C PRO B 119 15.39 27.60 49.23
N GLY B 120 14.55 28.54 48.75
CA GLY B 120 14.12 28.65 47.34
C GLY B 120 15.09 29.43 46.47
N ASP B 121 14.59 30.04 45.42
CA ASP B 121 15.42 30.74 44.42
C ASP B 121 15.84 32.11 44.95
N THR B 122 16.96 32.58 44.45
CA THR B 122 17.69 33.71 45.05
C THR B 122 16.98 35.01 44.72
N ASN B 123 16.17 34.99 43.65
CA ASN B 123 15.31 36.10 43.14
C ASN B 123 13.99 36.14 43.92
N VAL B 124 13.67 35.15 44.75
CA VAL B 124 12.36 35.11 45.46
C VAL B 124 12.49 35.92 46.73
N VAL B 125 11.60 36.86 46.87
CA VAL B 125 11.62 37.85 48.00
C VAL B 125 10.29 37.78 48.77
N GLY B 126 10.28 38.36 49.96
CA GLY B 126 9.07 38.38 50.78
C GLY B 126 8.20 39.52 50.33
N ALA B 127 7.06 39.66 50.95
CA ALA B 127 6.04 40.66 50.63
C ALA B 127 6.32 41.90 51.44
N PRO B 128 5.75 43.04 51.05
CA PRO B 128 5.83 44.25 51.84
C PRO B 128 4.93 44.25 53.08
N GLY B 129 4.91 45.36 53.83
CA GLY B 129 3.91 45.61 54.89
C GLY B 129 4.15 44.67 56.04
N GLY B 130 3.10 44.08 56.60
CA GLY B 130 3.25 43.32 57.85
C GLY B 130 4.11 42.11 57.59
N ALA B 131 4.27 41.77 56.30
CA ALA B 131 5.09 40.61 55.90
C ALA B 131 6.59 40.90 56.13
N ALA B 132 6.95 42.19 56.13
CA ALA B 132 8.31 42.70 56.42
C ALA B 132 9.36 41.97 55.59
N GLY B 133 9.02 41.54 54.40
CA GLY B 133 9.97 40.94 53.44
C GLY B 133 10.37 39.56 53.88
N ILE B 134 9.68 39.00 54.88
CA ILE B 134 9.83 37.58 55.31
C ILE B 134 8.56 36.76 54.97
N GLY B 135 7.41 37.42 54.95
CA GLY B 135 6.11 36.77 54.74
C GLY B 135 5.85 36.46 53.28
N GLY B 136 5.21 35.34 52.97
CA GLY B 136 4.76 35.05 51.60
C GLY B 136 5.74 34.16 50.91
N VAL B 137 6.73 33.64 51.61
CA VAL B 137 7.69 32.68 51.02
C VAL B 137 7.61 31.39 51.80
N ASN B 138 7.78 30.27 51.06
CA ASN B 138 7.77 28.90 51.63
C ASN B 138 9.15 28.67 52.25
N GLY B 139 9.21 28.27 53.53
CA GLY B 139 10.46 27.90 54.23
C GLY B 139 11.17 29.12 54.79
N ALA B 140 10.48 30.27 54.87
CA ALA B 140 11.01 31.62 55.23
C ALA B 140 11.22 31.70 56.75
N PHE B 141 12.31 32.33 57.17
CA PHE B 141 12.53 32.69 58.58
C PHE B 141 13.42 33.93 58.56
N GLY B 142 13.52 34.65 59.66
CA GLY B 142 14.44 35.80 59.63
C GLY B 142 14.24 36.73 60.79
N PHE B 143 14.78 37.93 60.67
CA PHE B 143 14.69 38.96 61.71
C PHE B 143 14.20 40.24 61.04
N LYS B 144 13.39 40.99 61.76
CA LYS B 144 12.76 42.23 61.22
C LYS B 144 12.96 43.35 62.22
N LEU B 145 13.17 44.56 61.71
CA LEU B 145 12.94 45.79 62.53
C LEU B 145 11.63 46.45 62.06
N ASP B 146 10.54 46.29 62.86
CA ASP B 146 9.16 46.70 62.46
C ASP B 146 8.95 48.13 62.97
N THR B 147 8.96 49.11 62.06
CA THR B 147 8.70 50.53 62.40
C THR B 147 7.22 50.89 62.24
N TYR B 148 6.31 49.88 62.18
CA TYR B 148 4.84 50.04 61.98
C TYR B 148 4.06 48.82 62.46
N TYR B 149 3.03 49.08 63.26
CA TYR B 149 2.20 48.06 63.94
C TYR B 149 1.07 47.69 62.99
N ASN B 150 1.06 46.46 62.48
CA ASN B 150 -0.03 45.93 61.64
C ASN B 150 -0.80 44.98 62.56
N GLY B 151 -1.95 45.44 63.07
CA GLY B 151 -2.78 44.68 64.02
C GLY B 151 -3.86 43.86 63.34
N VAL B 152 -4.22 44.18 62.10
CA VAL B 152 -5.11 43.35 61.25
C VAL B 152 -4.25 42.43 60.39
N GLY B 153 -4.45 41.11 60.55
CA GLY B 153 -3.77 40.03 59.78
C GLY B 153 -4.21 39.87 58.32
N GLU B 154 -3.36 39.19 57.55
CA GLU B 154 -3.56 38.82 56.14
C GLU B 154 -2.89 37.47 55.92
N ASN B 155 -2.96 36.91 54.74
CA ASN B 155 -2.52 35.50 54.62
C ASN B 155 -1.02 35.52 54.77
N SER B 156 -0.37 36.64 54.41
CA SER B 156 1.12 36.84 54.41
C SER B 156 1.67 37.02 55.82
N PHE B 157 0.87 37.46 56.79
CA PHE B 157 1.36 37.78 58.17
C PHE B 157 0.25 37.71 59.22
N THR B 158 0.56 37.15 60.40
CA THR B 158 -0.31 37.23 61.60
C THR B 158 -0.12 38.61 62.19
N PRO B 159 -1.11 39.17 62.92
CA PRO B 159 -0.98 40.48 63.55
C PRO B 159 0.28 40.60 64.40
N ASP B 160 0.81 41.83 64.49
CA ASP B 160 2.02 42.17 65.27
C ASP B 160 1.60 42.10 66.74
N PRO B 161 2.47 41.62 67.67
CA PRO B 161 2.11 41.44 69.09
C PRO B 161 1.54 42.72 69.72
N SER B 162 0.46 42.60 70.52
CA SER B 162 -0.35 43.75 71.01
C SER B 162 0.46 44.67 71.93
N ASN B 163 1.41 44.13 72.72
CA ASN B 163 2.27 44.92 73.65
C ASN B 163 3.03 46.00 72.86
N PHE B 164 3.18 45.88 71.53
CA PHE B 164 3.98 46.84 70.71
C PHE B 164 3.07 47.70 69.83
N LYS B 165 1.83 47.95 70.23
CA LYS B 165 0.93 48.83 69.44
C LYS B 165 1.49 50.25 69.46
N GLY B 166 1.75 50.84 68.29
CA GLY B 166 2.36 52.18 68.20
C GLY B 166 3.86 52.22 68.45
N LYS B 167 4.48 51.17 69.04
CA LYS B 167 5.95 51.05 69.34
C LYS B 167 6.68 50.27 68.24
N PRO B 168 7.85 50.78 67.82
CA PRO B 168 8.68 50.11 66.83
C PRO B 168 9.40 49.00 67.58
N PHE B 169 9.59 47.86 66.97
CA PHE B 169 10.12 46.69 67.70
C PHE B 169 10.97 45.85 66.76
N GLY B 170 11.78 44.99 67.35
CA GLY B 170 12.67 44.07 66.62
C GLY B 170 12.46 42.68 67.14
N ALA B 171 12.34 41.69 66.23
CA ALA B 171 12.00 40.29 66.57
C ALA B 171 12.45 39.30 65.52
N PHE B 172 12.54 38.05 65.93
CA PHE B 172 12.69 36.91 64.97
C PHE B 172 11.31 36.58 64.39
N VAL B 173 11.30 36.08 63.15
CA VAL B 173 10.05 35.75 62.45
C VAL B 173 10.10 34.31 61.92
N ASP B 174 8.98 33.62 62.08
CA ASP B 174 8.75 32.28 61.53
C ASP B 174 7.70 32.43 60.42
N GLY B 175 8.13 32.16 59.19
CA GLY B 175 7.36 32.20 57.95
C GLY B 175 7.47 30.87 57.18
N LEU B 176 7.62 29.75 57.89
CA LEU B 176 7.83 28.48 57.15
C LEU B 176 6.64 28.17 56.28
N ASN B 177 5.43 28.49 56.76
CA ASN B 177 4.11 28.17 56.13
C ASN B 177 3.70 29.28 55.17
N GLY B 178 4.48 30.35 55.02
CA GLY B 178 4.14 31.43 54.08
C GLY B 178 3.50 32.59 54.85
N GLN B 179 3.15 32.37 56.11
CA GLN B 179 2.62 33.47 56.94
C GLN B 179 3.67 33.80 57.99
N ALA B 180 4.05 35.06 58.01
CA ALA B 180 5.00 35.61 58.98
C ALA B 180 4.41 35.70 60.39
N LYS B 181 4.91 34.91 61.32
CA LYS B 181 4.46 35.02 62.72
C LYS B 181 5.68 35.53 63.47
N THR B 182 5.53 36.65 64.20
CA THR B 182 6.55 37.27 65.07
C THR B 182 6.83 36.33 66.23
N ILE B 183 8.08 36.01 66.49
CA ILE B 183 8.46 35.30 67.74
C ILE B 183 8.50 36.38 68.83
N ALA B 184 7.45 36.38 69.69
CA ALA B 184 7.26 37.30 70.83
C ALA B 184 8.20 37.02 72.03
N SER B 185 8.60 35.78 72.33
CA SER B 185 9.62 35.46 73.36
C SER B 185 10.79 36.47 73.38
N SER B 186 11.26 36.87 72.21
CA SER B 186 12.49 37.67 72.02
C SER B 186 12.12 39.09 71.56
N ALA B 187 10.89 39.34 71.04
CA ALA B 187 10.44 40.65 70.49
C ALA B 187 10.70 41.77 71.50
N GLN B 188 11.58 42.71 71.19
CA GLN B 188 12.08 43.76 72.10
C GLN B 188 11.89 45.11 71.41
N SER B 189 11.49 46.15 72.16
CA SER B 189 11.27 47.50 71.57
C SER B 189 12.65 48.04 71.21
N ILE B 190 12.68 48.77 70.11
CA ILE B 190 13.89 49.47 69.58
C ILE B 190 13.63 50.97 69.58
N SER B 191 14.62 51.75 69.19
CA SER B 191 14.46 53.22 69.14
C SER B 191 13.68 53.62 67.91
N GLU B 192 12.86 54.65 68.02
CA GLU B 192 12.09 55.17 66.86
C GLU B 192 13.09 55.69 65.84
N PRO B 193 12.78 55.60 64.54
CA PRO B 193 13.63 56.23 63.53
C PRO B 193 13.74 57.76 63.74
N SER B 194 14.96 58.28 63.67
CA SER B 194 15.31 59.69 63.98
C SER B 194 16.31 60.26 62.98
N ASN B 195 16.07 61.48 62.48
CA ASN B 195 17.02 62.29 61.66
C ASN B 195 17.88 61.37 60.80
N ASN B 196 17.27 60.37 60.17
CA ASN B 196 17.92 59.45 59.21
C ASN B 196 19.25 58.96 59.77
N ASN B 197 19.21 58.54 61.04
CA ASN B 197 20.36 58.07 61.82
C ASN B 197 20.60 56.61 61.53
N PHE B 198 21.84 56.26 61.23
CA PHE B 198 22.31 54.86 61.04
C PHE B 198 22.62 54.20 62.40
N VAL B 199 22.23 52.96 62.67
CA VAL B 199 22.53 52.23 63.94
C VAL B 199 23.24 50.90 63.64
N ASP B 200 24.14 50.48 64.50
CA ASP B 200 25.01 49.30 64.22
C ASP B 200 24.18 48.01 64.29
N PHE B 201 24.32 47.15 63.27
CA PHE B 201 23.55 45.88 63.13
C PHE B 201 24.54 44.73 63.02
N THR B 202 24.32 43.64 63.76
CA THR B 202 25.15 42.41 63.76
C THR B 202 24.25 41.19 63.68
N MET B 203 24.46 40.34 62.69
CA MET B 203 23.79 39.02 62.64
C MET B 203 24.87 37.98 62.57
N SER B 204 24.96 37.15 63.59
CA SER B 204 25.95 36.06 63.70
C SER B 204 25.20 34.76 63.65
N TYR B 205 25.77 33.74 63.02
CA TYR B 205 25.13 32.41 62.89
C TYR B 205 26.19 31.36 63.19
N ASN B 206 25.96 30.54 64.21
CA ASN B 206 26.79 29.35 64.44
C ASN B 206 26.21 28.20 63.64
N GLY B 207 26.98 27.69 62.68
CA GLY B 207 26.50 26.66 61.75
C GLY B 207 26.52 25.29 62.36
N ALA B 208 26.76 25.20 63.63
CA ALA B 208 26.95 23.90 64.27
C ALA B 208 25.83 23.70 65.26
N THR B 209 25.31 24.79 65.82
CA THR B 209 24.31 24.77 66.92
C THR B 209 23.00 25.31 66.34
N LYS B 210 23.11 25.88 65.14
CA LYS B 210 21.98 26.47 64.38
C LYS B 210 21.34 27.53 65.28
N VAL B 211 22.17 28.40 65.86
CA VAL B 211 21.75 29.53 66.75
C VAL B 211 22.13 30.86 66.08
N MET B 212 21.16 31.68 65.81
CA MET B 212 21.38 33.01 65.20
C MET B 212 21.42 34.03 66.34
N SER B 213 22.24 35.10 66.27
CA SER B 213 22.42 36.14 67.34
C SER B 213 22.44 37.52 66.70
N VAL B 214 21.55 38.36 67.11
CA VAL B 214 21.49 39.70 66.48
C VAL B 214 21.78 40.76 67.53
N THR B 215 22.41 41.85 67.10
CA THR B 215 22.64 43.04 67.93
C THR B 215 22.33 44.26 67.09
N TYR B 216 21.28 44.96 67.47
CA TYR B 216 20.95 46.30 66.94
C TYR B 216 20.91 47.33 68.07
N GLY B 217 21.67 48.43 67.93
CA GLY B 217 21.87 49.43 69.00
C GLY B 217 22.26 48.75 70.29
N GLY B 218 21.51 48.96 71.36
CA GLY B 218 21.93 48.31 72.61
C GLY B 218 21.27 46.98 72.87
N GLN B 219 20.32 46.53 72.02
CA GLN B 219 19.50 45.32 72.31
C GLN B 219 20.18 44.14 71.61
N THR B 220 20.01 42.95 72.18
CA THR B 220 20.56 41.66 71.67
C THR B 220 19.48 40.57 71.69
N TRP B 221 19.38 39.79 70.61
CA TRP B 221 18.41 38.66 70.47
C TRP B 221 19.18 37.37 70.18
N THR B 222 18.76 36.27 70.77
CA THR B 222 19.19 34.91 70.40
C THR B 222 17.98 34.11 69.93
N GLN B 223 18.22 33.19 68.99
CA GLN B 223 17.18 32.33 68.41
C GLN B 223 17.74 30.98 68.00
N ASP B 224 17.06 29.89 68.37
CA ASP B 224 17.46 28.55 67.86
C ASP B 224 16.80 28.34 66.49
N VAL B 225 17.55 28.33 65.40
CA VAL B 225 16.91 28.29 64.06
C VAL B 225 16.96 26.86 63.51
N SER B 226 17.20 25.86 64.36
CA SER B 226 17.36 24.46 63.95
C SER B 226 16.11 23.96 63.20
N SER B 227 14.92 24.17 63.76
CA SER B 227 13.62 23.83 63.14
C SER B 227 13.41 24.66 61.87
N PHE B 228 14.03 25.82 61.69
CA PHE B 228 13.85 26.63 60.47
C PHE B 228 14.77 26.16 59.36
N VAL B 229 15.80 25.37 59.66
CA VAL B 229 16.89 25.08 58.71
C VAL B 229 16.80 23.61 58.37
N GLY B 230 16.67 22.76 59.38
CA GLY B 230 16.48 21.33 59.17
C GLY B 230 17.64 20.82 58.36
N THR B 231 17.36 20.30 57.14
CA THR B 231 18.32 19.56 56.28
C THR B 231 18.58 20.25 54.94
N ASN B 232 18.11 21.50 54.77
CA ASN B 232 18.24 22.34 53.56
C ASN B 232 19.71 22.64 53.34
N GLN B 233 20.33 23.20 54.38
CA GLN B 233 21.77 23.50 54.42
C GLN B 233 22.13 24.49 53.30
N ALA B 234 21.19 25.04 52.54
CA ALA B 234 21.48 26.03 51.48
C ALA B 234 20.35 27.01 51.46
N MET B 235 20.60 28.25 51.77
CA MET B 235 19.51 29.23 51.96
C MET B 235 19.81 30.49 51.15
N SER B 236 18.87 31.01 50.39
CA SER B 236 19.03 32.36 49.79
C SER B 236 18.84 33.44 50.87
N PHE B 237 19.35 34.64 50.64
CA PHE B 237 19.36 35.74 51.63
C PHE B 237 18.89 37.04 50.95
N SER B 238 18.02 37.76 51.63
CA SER B 238 17.34 38.92 51.00
C SER B 238 17.36 39.98 52.08
N ILE B 239 17.66 41.22 51.80
CA ILE B 239 17.39 42.25 52.84
C ILE B 239 16.40 43.20 52.23
N ALA B 240 15.25 43.43 52.86
CA ALA B 240 14.18 44.23 52.22
C ALA B 240 13.59 45.27 53.16
N ALA B 241 13.14 46.34 52.54
CA ALA B 241 12.41 47.44 53.16
C ALA B 241 11.21 47.80 52.30
N SER B 242 10.19 48.37 52.92
CA SER B 242 8.86 48.70 52.34
C SER B 242 8.39 50.02 52.94
N THR B 243 7.63 50.80 52.17
CA THR B 243 6.76 51.85 52.76
C THR B 243 5.34 51.44 52.34
N GLY B 244 4.36 52.14 52.89
CA GLY B 244 3.00 52.07 52.36
C GLY B 244 2.37 53.44 52.31
N ALA B 245 1.41 53.65 53.20
CA ALA B 245 0.74 54.95 53.39
C ALA B 245 1.70 55.83 54.17
N PHE B 246 2.40 55.22 55.13
CA PHE B 246 3.49 55.82 55.95
C PHE B 246 4.85 55.41 55.37
N MET B 247 5.85 56.26 55.56
CA MET B 247 7.08 56.22 54.72
C MET B 247 8.27 56.53 55.62
N ASN B 248 9.46 56.13 55.17
CA ASN B 248 10.76 56.44 55.81
C ASN B 248 11.82 56.23 54.75
N LEU B 249 12.85 57.07 54.76
CA LEU B 249 14.08 56.72 54.02
C LEU B 249 14.72 55.52 54.70
N GLN B 250 14.81 54.36 54.02
CA GLN B 250 15.30 53.12 54.67
C GLN B 250 16.56 52.66 53.95
N GLN B 251 17.71 52.50 54.63
CA GLN B 251 19.03 52.29 53.97
C GLN B 251 19.93 51.32 54.73
N LEU B 252 20.90 50.75 54.00
CA LEU B 252 22.04 49.94 54.53
C LEU B 252 23.40 50.66 54.35
N ARG B 253 24.39 50.33 55.16
CA ARG B 253 25.70 51.00 55.06
C ARG B 253 26.80 50.12 55.66
N ASN B 254 27.97 50.16 55.03
CA ASN B 254 29.19 49.55 55.61
C ASN B 254 28.91 48.06 55.79
N VAL B 255 28.41 47.41 54.74
CA VAL B 255 28.05 45.97 54.80
C VAL B 255 29.29 45.13 54.52
N ASN B 256 29.66 44.38 55.54
CA ASN B 256 30.66 43.29 55.48
C ASN B 256 29.93 42.02 55.84
N PHE B 257 30.01 41.06 54.94
CA PHE B 257 29.30 39.76 55.08
C PHE B 257 30.31 38.65 54.91
N THR B 258 30.69 38.03 56.01
CA THR B 258 31.57 36.85 55.92
C THR B 258 30.70 35.61 55.99
N TYR B 259 30.73 34.78 54.94
CA TYR B 259 30.00 33.49 54.94
C TYR B 259 30.70 32.43 54.11
N THR B 260 30.04 31.31 53.99
CA THR B 260 30.45 30.25 53.05
C THR B 260 29.37 30.18 51.99
N VAL B 261 29.76 30.35 50.73
CA VAL B 261 28.90 30.14 49.54
C VAL B 261 28.50 28.66 49.54
N ALA B 262 27.21 28.44 49.32
CA ALA B 262 26.64 27.09 49.27
C ALA B 262 26.93 26.50 47.88
N GLN B 263 27.04 25.18 47.82
CA GLN B 263 27.09 24.47 46.53
C GLN B 263 25.76 24.55 45.79
N GLY B 264 25.81 24.42 44.46
CA GLY B 264 24.62 24.36 43.59
C GLY B 264 24.08 22.96 43.55
N THR B 265 22.81 22.83 43.21
CA THR B 265 22.23 21.47 43.09
C THR B 265 21.62 21.29 41.71
N VAL B 266 21.74 20.05 41.19
CA VAL B 266 21.09 19.52 39.96
C VAL B 266 20.27 18.27 40.30
N ILE B 267 19.00 18.27 39.92
CA ILE B 267 18.06 17.13 40.14
C ILE B 267 17.72 16.50 38.80
N ALA B 268 18.04 15.22 38.62
CA ALA B 268 17.63 14.45 37.42
C ALA B 268 16.43 13.57 37.78
N ASN B 269 15.29 13.78 37.12
CA ASN B 269 14.06 12.97 37.27
C ASN B 269 13.86 12.05 36.07
N TYR B 270 13.38 10.85 36.28
CA TYR B 270 13.17 9.86 35.18
C TYR B 270 11.68 9.48 35.12
N VAL B 271 10.95 10.07 34.21
CA VAL B 271 9.46 9.97 34.19
C VAL B 271 8.97 9.41 32.85
N ASP B 272 7.68 9.12 32.81
CA ASP B 272 6.92 8.85 31.58
C ASP B 272 6.31 10.15 31.11
N GLU B 273 5.40 9.99 30.14
CA GLU B 273 4.87 11.07 29.29
C GLU B 273 3.74 11.75 30.07
N GLN B 274 3.05 11.00 30.92
CA GLN B 274 2.02 11.53 31.85
C GLN B 274 2.74 12.18 33.03
N GLY B 275 4.01 11.85 33.26
CA GLY B 275 4.86 12.49 34.26
C GLY B 275 4.98 11.66 35.52
N ASN B 276 4.57 10.40 35.51
CA ASN B 276 4.81 9.47 36.67
C ASN B 276 6.29 9.07 36.75
N THR B 277 6.84 8.84 37.92
CA THR B 277 8.28 8.55 38.06
C THR B 277 8.46 7.09 37.70
N ILE B 278 9.52 6.72 37.00
CA ILE B 278 9.74 5.33 36.51
C ILE B 278 11.14 4.89 36.88
N ALA B 279 11.94 5.80 37.43
CA ALA B 279 13.27 5.48 37.98
C ALA B 279 13.66 6.51 39.05
N GLN B 280 14.56 6.09 39.92
CA GLN B 280 14.85 6.86 41.14
C GLN B 280 15.46 8.19 40.73
N GLN B 281 14.99 9.31 41.29
CA GLN B 281 15.57 10.65 41.07
C GLN B 281 17.05 10.62 41.48
N GLU B 282 17.98 11.25 40.76
CA GLU B 282 19.38 11.40 41.23
C GLU B 282 19.60 12.88 41.51
N THR B 283 19.99 13.21 42.75
CA THR B 283 20.32 14.60 43.18
C THR B 283 21.84 14.70 43.32
N THR B 284 22.52 15.57 42.57
CA THR B 284 23.98 15.81 42.75
C THR B 284 24.19 17.27 43.11
N SER B 285 25.24 17.53 43.88
CA SER B 285 25.60 18.90 44.23
C SER B 285 27.07 19.05 43.94
N GLY B 286 27.45 20.24 43.47
CA GLY B 286 28.85 20.68 43.32
C GLY B 286 29.03 22.21 43.44
N ASP B 287 30.29 22.68 43.42
CA ASP B 287 30.60 24.12 43.62
C ASP B 287 29.98 24.89 42.47
N ILE B 288 29.46 26.05 42.72
CA ILE B 288 28.94 26.93 41.65
C ILE B 288 30.00 27.07 40.55
N ASP B 289 29.60 27.00 39.29
CA ASP B 289 30.45 27.16 38.06
C ASP B 289 31.43 26.03 37.93
N THR B 290 31.18 24.89 38.57
CA THR B 290 31.92 23.66 38.23
C THR B 290 30.97 22.77 37.48
N PRO B 291 31.48 21.95 36.53
CA PRO B 291 30.65 21.14 35.63
C PRO B 291 29.75 20.06 36.28
N TYR B 292 28.53 19.86 35.77
CA TYR B 292 27.66 18.68 36.13
C TYR B 292 27.37 17.86 34.87
N VAL B 293 27.15 16.57 35.09
CA VAL B 293 26.79 15.60 34.02
C VAL B 293 25.70 14.70 34.58
N THR B 294 24.44 14.82 34.11
CA THR B 294 23.38 13.83 34.45
C THR B 294 23.41 12.65 33.46
N SER B 295 22.99 11.47 33.89
CA SER B 295 22.94 10.25 33.02
C SER B 295 21.52 10.07 32.46
N GLN B 296 21.48 9.55 31.23
CA GLN B 296 20.24 9.02 30.60
C GLN B 296 20.15 7.54 30.97
N LYS B 297 19.30 7.20 31.94
CA LYS B 297 19.18 5.83 32.50
C LYS B 297 18.55 4.83 31.51
N THR B 298 18.81 3.55 31.70
CA THR B 298 18.22 2.52 30.84
C THR B 298 17.06 1.91 31.61
N ILE B 299 15.84 2.29 31.35
CA ILE B 299 14.72 1.76 32.19
C ILE B 299 14.04 0.64 31.43
N PRO B 300 14.09 -0.60 31.94
CA PRO B 300 13.39 -1.73 31.35
C PRO B 300 11.95 -1.39 31.03
N GLY B 301 11.55 -1.71 29.79
CA GLY B 301 10.16 -1.59 29.34
C GLY B 301 9.77 -0.15 29.05
N TYR B 302 10.76 0.77 29.06
CA TYR B 302 10.60 2.16 28.61
C TYR B 302 11.71 2.45 27.59
N THR B 303 11.48 3.42 26.72
CA THR B 303 12.51 3.92 25.77
C THR B 303 12.63 5.42 25.93
N PHE B 304 13.85 5.94 26.00
CA PHE B 304 14.06 7.39 26.22
C PHE B 304 13.44 8.15 25.06
N LYS B 305 12.57 9.13 25.27
CA LYS B 305 12.14 10.12 24.23
C LYS B 305 13.05 11.34 24.36
N ALA B 306 12.78 12.30 25.23
CA ALA B 306 13.57 13.54 25.21
C ALA B 306 13.64 14.08 26.62
N SER B 307 14.61 14.98 26.86
CA SER B 307 14.86 15.64 28.16
C SER B 307 14.30 17.04 28.09
N ASN B 308 13.54 17.47 29.10
CA ASN B 308 13.04 18.87 29.23
C ASN B 308 13.72 19.55 30.44
N GLY B 309 13.45 20.86 30.62
CA GLY B 309 14.11 21.73 31.62
C GLY B 309 15.62 21.93 31.41
N ALA B 310 16.43 21.89 32.46
CA ALA B 310 17.88 22.15 32.33
C ALA B 310 18.58 21.11 31.44
N ALA B 311 19.68 21.54 30.86
CA ALA B 311 20.55 20.68 30.03
C ALA B 311 21.02 19.43 30.79
N THR B 312 21.30 18.35 30.07
CA THR B 312 21.76 17.06 30.64
C THR B 312 23.12 17.30 31.34
N SER B 313 24.01 18.06 30.70
CA SER B 313 25.33 18.45 31.24
C SER B 313 25.35 19.96 31.34
N GLY B 314 26.21 20.50 32.17
CA GLY B 314 26.28 21.97 32.33
C GLY B 314 27.12 22.32 33.51
N ASN B 315 26.86 23.49 34.09
CA ASN B 315 27.63 23.95 35.28
C ASN B 315 26.65 24.11 36.45
N TYR B 316 26.99 23.60 37.63
CA TYR B 316 26.24 23.87 38.89
C TYR B 316 26.06 25.38 39.09
N ALA B 317 24.94 25.71 39.64
CA ALA B 317 24.63 27.13 39.87
C ALA B 317 23.82 27.20 41.15
N ALA B 318 23.84 28.39 41.76
CA ALA B 318 23.15 28.70 43.02
C ALA B 318 21.78 28.03 43.08
N ASN B 319 20.89 28.47 42.18
CA ASN B 319 19.50 27.96 42.05
C ASN B 319 19.50 26.53 41.50
N ASP B 320 18.77 25.68 42.21
CA ASP B 320 18.52 24.26 41.82
C ASP B 320 18.14 24.24 40.35
N GLN B 321 18.89 23.48 39.57
CA GLN B 321 18.57 23.16 38.17
C GLN B 321 18.02 21.74 38.08
N THR B 322 16.93 21.57 37.35
CA THR B 322 16.21 20.29 37.26
C THR B 322 16.16 19.84 35.81
N VAL B 323 16.67 18.65 35.51
CA VAL B 323 16.50 17.97 34.18
C VAL B 323 15.50 16.84 34.34
N ASN B 324 14.45 16.83 33.55
CA ASN B 324 13.53 15.67 33.48
C ASN B 324 13.82 14.87 32.21
N TYR B 325 14.22 13.61 32.35
CA TYR B 325 14.28 12.62 31.25
C TYR B 325 12.90 11.95 31.04
N VAL B 326 12.28 12.15 29.87
CA VAL B 326 10.93 11.61 29.56
C VAL B 326 11.06 10.33 28.74
N TYR B 327 10.40 9.27 29.11
CA TYR B 327 10.49 7.96 28.42
C TYR B 327 9.12 7.56 27.81
N THR B 328 9.14 6.81 26.70
CA THR B 328 7.90 6.20 26.10
C THR B 328 7.79 4.79 26.69
N ARG B 329 6.55 4.29 26.79
CA ARG B 329 6.30 2.90 27.23
C ARG B 329 6.39 1.94 26.04
N ASN B 330 7.44 1.12 25.98
CA ASN B 330 7.57 0.02 24.99
C ASN B 330 6.21 -0.73 24.83
N GLN B 331 5.73 -0.79 23.58
CA GLN B 331 4.45 -1.43 23.23
C GLN B 331 4.72 -2.74 22.45
N GLY B 332 3.75 -3.66 22.44
CA GLY B 332 3.86 -5.00 21.82
C GLY B 332 2.56 -5.34 21.12
N SER B 333 2.63 -6.29 20.17
CA SER B 333 1.47 -6.66 19.32
C SER B 333 1.27 -8.17 19.39
N ILE B 334 -0.01 -8.54 19.40
CA ILE B 334 -0.47 -9.93 19.29
C ILE B 334 -1.57 -9.92 18.25
N ASP B 335 -1.51 -10.77 17.21
CA ASP B 335 -2.61 -10.91 16.23
C ASP B 335 -3.10 -12.36 16.39
N VAL B 336 -4.42 -12.55 16.39
CA VAL B 336 -5.07 -13.87 16.27
C VAL B 336 -5.96 -13.87 15.03
N THR B 337 -5.57 -14.59 13.98
CA THR B 337 -6.28 -14.67 12.67
C THR B 337 -7.18 -15.89 12.63
N TYR B 338 -8.47 -15.68 12.37
CA TYR B 338 -9.52 -16.74 12.39
C TYR B 338 -9.77 -17.15 10.93
N ILE B 339 -9.51 -18.42 10.60
CA ILE B 339 -9.51 -18.90 9.19
C ILE B 339 -10.60 -19.97 9.02
N ASP B 340 -11.43 -19.81 7.97
CA ASP B 340 -12.30 -20.87 7.43
C ASP B 340 -11.56 -21.67 6.35
N GLN B 341 -11.17 -22.91 6.65
CA GLN B 341 -10.38 -23.73 5.70
C GLN B 341 -11.22 -24.09 4.44
N THR B 342 -12.51 -24.38 4.59
CA THR B 342 -13.36 -24.83 3.47
C THR B 342 -13.66 -23.64 2.56
N THR B 343 -13.06 -22.45 2.70
CA THR B 343 -13.19 -21.31 1.73
C THR B 343 -11.83 -20.62 1.56
N GLY B 344 -10.88 -20.82 2.47
CA GLY B 344 -9.69 -19.97 2.56
C GLY B 344 -10.00 -18.53 2.96
N GLN B 345 -11.15 -18.27 3.58
CA GLN B 345 -11.49 -16.88 3.88
C GLN B 345 -10.98 -16.56 5.27
N THR B 346 -10.48 -15.35 5.48
CA THR B 346 -10.10 -14.82 6.82
C THR B 346 -11.36 -14.28 7.52
N LEU B 347 -12.10 -15.13 8.25
CA LEU B 347 -13.31 -14.76 9.05
C LEU B 347 -13.10 -13.44 9.80
N SER B 348 -12.08 -13.34 10.67
CA SER B 348 -11.73 -12.11 11.42
C SER B 348 -10.30 -12.24 11.91
N LYS B 349 -9.59 -11.14 12.06
CA LYS B 349 -8.23 -11.10 12.66
C LYS B 349 -8.25 -10.13 13.85
N LYS B 350 -7.96 -10.59 15.07
CA LYS B 350 -7.90 -9.71 16.27
C LYS B 350 -6.48 -9.14 16.33
N ASP B 351 -6.40 -7.81 16.30
CA ASP B 351 -5.16 -7.03 16.57
C ASP B 351 -5.27 -6.58 18.03
N LEU B 352 -4.34 -7.00 18.86
CA LEU B 352 -4.23 -6.57 20.27
C LEU B 352 -2.86 -5.90 20.40
N SER B 353 -2.80 -4.75 21.07
CA SER B 353 -1.51 -4.11 21.38
C SER B 353 -1.60 -3.60 22.80
N GLY B 354 -0.46 -3.49 23.43
CA GLY B 354 -0.41 -2.96 24.79
C GLY B 354 1.01 -2.77 25.26
N GLY B 355 1.23 -2.68 26.55
CA GLY B 355 2.57 -2.40 27.06
C GLY B 355 3.31 -3.69 27.33
N THR B 356 4.61 -3.70 27.05
CA THR B 356 5.45 -4.90 27.20
C THR B 356 5.41 -5.30 28.66
N GLY B 357 4.89 -6.49 28.94
CA GLY B 357 4.87 -7.08 30.28
C GLY B 357 3.44 -7.19 30.71
N ASP B 358 2.58 -6.36 30.11
CA ASP B 358 1.16 -6.25 30.54
C ASP B 358 0.45 -7.50 29.99
N SER B 359 -0.67 -7.94 30.59
CA SER B 359 -1.47 -9.06 30.05
C SER B 359 -2.37 -8.54 28.94
N SER B 360 -2.84 -9.42 28.07
CA SER B 360 -3.67 -9.08 26.89
C SER B 360 -5.13 -9.15 27.32
N ASN B 361 -5.41 -10.03 28.28
CA ASN B 361 -6.79 -10.31 28.75
C ASN B 361 -7.65 -10.76 27.57
N TYR B 362 -7.13 -11.54 26.63
CA TYR B 362 -7.86 -12.05 25.45
C TYR B 362 -7.85 -13.58 25.46
N THR B 363 -9.00 -14.22 25.23
CA THR B 363 -9.11 -15.67 24.97
C THR B 363 -9.70 -15.85 23.59
N THR B 364 -9.63 -17.06 23.03
CA THR B 364 -10.16 -17.32 21.68
C THR B 364 -11.61 -17.77 21.76
N THR B 365 -11.94 -18.46 22.83
CA THR B 365 -13.23 -19.16 22.99
C THR B 365 -14.49 -18.37 22.56
N ASP B 366 -14.62 -17.10 22.93
CA ASP B 366 -15.92 -16.39 22.74
C ASP B 366 -16.07 -16.22 21.23
N THR B 367 -15.01 -15.82 20.55
CA THR B 367 -15.04 -15.71 19.08
C THR B 367 -15.33 -17.11 18.53
N ILE B 368 -14.72 -18.15 19.08
CA ILE B 368 -14.85 -19.55 18.56
C ILE B 368 -16.34 -19.89 18.59
N LYS B 369 -16.93 -19.91 19.78
CA LYS B 369 -18.36 -20.26 19.99
C LYS B 369 -19.28 -19.41 19.11
N SER B 370 -18.98 -18.13 18.86
CA SER B 370 -19.74 -17.28 17.92
C SER B 370 -19.84 -17.97 16.54
N TYR B 371 -18.78 -18.66 16.13
CA TYR B 371 -18.59 -19.38 14.86
C TYR B 371 -19.10 -20.83 14.99
N THR B 372 -18.92 -21.45 16.15
CA THR B 372 -19.35 -22.84 16.45
C THR B 372 -20.89 -22.92 16.52
N ASP B 373 -21.47 -21.84 17.05
CA ASP B 373 -22.93 -21.57 17.09
C ASP B 373 -23.43 -21.49 15.64
N ALA B 374 -22.77 -20.70 14.75
CA ALA B 374 -23.19 -20.43 13.33
C ALA B 374 -22.79 -21.60 12.42
N GLY B 375 -22.35 -22.75 13.00
CA GLY B 375 -22.29 -24.05 12.31
C GLY B 375 -20.89 -24.49 11.95
N TYR B 376 -19.86 -23.80 12.44
CA TYR B 376 -18.45 -24.19 12.17
C TYR B 376 -17.95 -25.22 13.20
N GLU B 377 -16.74 -25.75 12.96
CA GLU B 377 -16.10 -26.83 13.76
C GLU B 377 -14.62 -26.49 13.91
N LEU B 378 -14.13 -26.53 15.15
CA LEU B 378 -12.79 -26.02 15.48
C LEU B 378 -11.81 -27.11 15.09
N VAL B 379 -10.83 -26.72 14.28
CA VAL B 379 -9.76 -27.63 13.83
C VAL B 379 -8.56 -27.41 14.75
N SER B 380 -8.03 -26.19 14.80
CA SER B 380 -6.77 -25.90 15.53
C SER B 380 -6.88 -24.49 16.13
N ASP B 381 -6.17 -24.26 17.25
CA ASP B 381 -6.07 -22.98 18.02
C ASP B 381 -4.71 -22.96 18.70
N ASN B 382 -3.73 -22.25 18.12
CA ASN B 382 -2.35 -22.16 18.66
C ASN B 382 -2.25 -20.99 19.67
N TYR B 383 -3.37 -20.37 20.08
CA TYR B 383 -3.35 -19.27 21.06
C TYR B 383 -3.13 -19.85 22.45
N PRO B 384 -2.10 -19.36 23.17
CA PRO B 384 -1.62 -20.06 24.37
C PRO B 384 -2.71 -20.25 25.42
N SER B 385 -2.87 -21.46 25.88
CA SER B 385 -3.92 -21.82 26.87
C SER B 385 -3.71 -21.06 28.17
N GLY B 386 -2.45 -20.77 28.52
CA GLY B 386 -2.06 -19.88 29.64
C GLY B 386 -2.37 -18.39 29.42
N GLY B 387 -2.68 -17.97 28.19
CA GLY B 387 -2.97 -16.58 27.88
C GLY B 387 -1.67 -15.88 27.55
N THR B 388 -1.76 -14.65 27.05
CA THR B 388 -0.64 -13.91 26.42
C THR B 388 -0.31 -12.58 27.13
N VAL B 389 0.97 -12.29 27.05
CA VAL B 389 1.55 -11.02 27.55
C VAL B 389 2.24 -10.39 26.36
N PHE B 390 2.04 -9.09 26.14
CA PHE B 390 2.71 -8.29 25.06
C PHE B 390 4.23 -8.30 25.25
N THR B 391 4.97 -8.46 24.18
CA THR B 391 6.44 -8.58 24.23
C THR B 391 7.05 -7.63 23.22
N ASP B 392 8.36 -7.63 23.24
CA ASP B 392 9.18 -6.82 22.31
C ASP B 392 9.05 -7.38 20.89
N THR B 393 9.05 -8.70 20.78
CA THR B 393 8.74 -9.43 19.53
C THR B 393 7.22 -9.58 19.37
N ALA B 394 6.69 -9.20 18.21
CA ALA B 394 5.26 -9.38 17.89
C ALA B 394 4.91 -10.88 17.81
N GLN B 395 3.67 -11.21 18.19
CA GLN B 395 3.17 -12.60 18.37
C GLN B 395 2.04 -12.78 17.35
N HIS B 396 2.06 -13.91 16.60
CA HIS B 396 1.10 -14.22 15.52
C HIS B 396 0.47 -15.57 15.77
N TYR B 397 -0.86 -15.59 16.01
CA TYR B 397 -1.64 -16.82 16.34
C TYR B 397 -2.78 -16.97 15.35
N VAL B 398 -3.17 -18.24 15.18
CA VAL B 398 -4.12 -18.67 14.13
C VAL B 398 -5.11 -19.65 14.76
N VAL B 399 -6.38 -19.42 14.49
CA VAL B 399 -7.48 -20.33 14.89
C VAL B 399 -8.07 -20.88 13.61
N ASN B 400 -7.91 -22.18 13.36
CA ASN B 400 -8.36 -22.82 12.09
C ASN B 400 -9.74 -23.45 12.31
N LEU B 401 -10.74 -22.97 11.57
CA LEU B 401 -12.12 -23.51 11.63
C LEU B 401 -12.54 -24.06 10.25
N LYS B 402 -13.52 -24.97 10.22
CA LYS B 402 -14.06 -25.51 8.96
C LYS B 402 -15.58 -25.41 9.04
N GLN B 403 -16.24 -25.20 7.90
CA GLN B 403 -17.70 -25.40 7.76
C GLN B 403 -18.00 -26.88 7.96
N LYS B 404 -18.73 -27.18 9.05
CA LYS B 404 -18.98 -28.55 9.59
C LYS B 404 -19.92 -29.26 8.62
N LEU B 405 -19.66 -30.51 8.36
CA LEU B 405 -20.51 -31.29 7.44
C LEU B 405 -21.07 -32.46 8.26
N VAL B 406 -22.40 -32.56 8.37
CA VAL B 406 -23.13 -33.71 9.01
C VAL B 406 -23.57 -34.66 7.89
N VAL B 407 -23.22 -35.97 8.01
CA VAL B 407 -23.47 -37.04 6.99
C VAL B 407 -24.61 -37.97 7.44
N SER B 408 -25.57 -38.26 6.53
CA SER B 408 -26.76 -39.11 6.80
C SER B 408 -27.01 -40.07 5.61
N SER B 409 -28.29 -40.42 5.33
CA SER B 409 -28.76 -41.22 4.15
C SER B 409 -30.32 -41.16 3.98
N GLU B 410 -30.82 -40.97 2.74
CA GLU B 410 -32.26 -40.70 2.36
C GLU B 410 -32.88 -41.89 1.61
N GLN B 411 -32.13 -42.99 1.44
CA GLN B 411 -32.61 -44.27 0.84
C GLN B 411 -33.26 -43.98 -0.54
N THR B 440 -30.43 -46.98 -0.38
CA THR B 440 -29.52 -46.05 0.33
C THR B 440 -29.14 -44.91 -0.62
N ARG B 441 -28.52 -43.85 -0.07
CA ARG B 441 -28.09 -42.60 -0.74
C ARG B 441 -27.63 -41.64 0.36
N SER B 442 -26.32 -41.55 0.67
CA SER B 442 -25.76 -40.62 1.71
C SER B 442 -26.08 -39.15 1.37
N VAL B 443 -26.41 -38.37 2.40
CA VAL B 443 -26.73 -36.91 2.31
C VAL B 443 -25.76 -36.19 3.25
N THR B 444 -25.08 -35.16 2.72
CA THR B 444 -24.10 -34.32 3.44
C THR B 444 -24.64 -32.89 3.54
N THR B 445 -25.09 -32.52 4.74
CA THR B 445 -25.64 -31.18 5.05
C THR B 445 -24.56 -30.33 5.72
N ASN B 446 -24.22 -29.23 5.04
CA ASN B 446 -23.31 -28.16 5.50
C ASN B 446 -24.02 -27.36 6.57
N GLN B 447 -23.55 -27.40 7.81
CA GLN B 447 -24.26 -26.76 8.94
C GLN B 447 -24.13 -25.23 8.81
N VAL B 448 -23.31 -24.70 7.89
CA VAL B 448 -23.13 -23.22 7.79
C VAL B 448 -24.03 -22.64 6.69
N THR B 449 -23.85 -23.05 5.44
CA THR B 449 -24.64 -22.54 4.28
C THR B 449 -25.97 -23.31 4.21
N GLY B 450 -25.94 -24.64 4.08
CA GLY B 450 -27.14 -25.50 3.93
C GLY B 450 -26.99 -26.48 2.78
N GLU B 451 -25.93 -26.36 1.98
CA GLU B 451 -25.64 -27.27 0.85
C GLU B 451 -25.87 -28.72 1.33
N LYS B 452 -26.74 -29.44 0.62
CA LYS B 452 -26.97 -30.90 0.78
C LYS B 452 -26.23 -31.59 -0.37
N THR B 453 -25.22 -32.41 -0.07
CA THR B 453 -24.45 -33.15 -1.10
C THR B 453 -24.92 -34.59 -1.07
N TYR B 454 -25.78 -34.94 -2.03
CA TYR B 454 -26.33 -36.31 -2.21
C TYR B 454 -25.17 -37.17 -2.75
N GLY B 455 -25.03 -38.39 -2.25
CA GLY B 455 -24.01 -39.35 -2.75
C GLY B 455 -24.63 -40.31 -3.76
N ASP B 456 -23.96 -41.45 -3.98
CA ASP B 456 -24.34 -42.48 -5.00
C ASP B 456 -25.54 -43.33 -4.50
N TRP B 457 -26.66 -43.37 -5.26
CA TRP B 457 -27.93 -44.13 -4.96
C TRP B 457 -27.65 -45.63 -4.84
N GLN B 458 -27.95 -46.27 -3.70
CA GLN B 458 -27.59 -47.69 -3.41
C GLN B 458 -28.86 -48.48 -3.00
N ALA B 459 -28.74 -49.71 -2.47
CA ALA B 459 -29.88 -50.61 -2.11
C ALA B 459 -29.96 -50.86 -0.58
#